data_7V2V
#
_entry.id   7V2V
#
_cell.length_a   119.921
_cell.length_b   119.921
_cell.length_c   81.601
_cell.angle_alpha   90.00
_cell.angle_beta   90.00
_cell.angle_gamma   120.00
#
_symmetry.space_group_name_H-M   'P 31'
#
loop_
_entity.id
_entity.type
_entity.pdbx_description
1 polymer VpsR
2 non-polymer 'SULFATE ION'
#
_entity_poly.entity_id   1
_entity_poly.type   'polypeptide(L)'
_entity_poly.pdbx_seq_one_letter_code
;HHHHHHSSGLVPRGSHMMSTQFRMDSVPGSLVVVGGTYEPWLPVLEKVGWRCTQVADLRKPDALFVETGPCIGIVDLSHD
EFSLNGIANLVSSHKQVRWLAFIREAQLSSDTICQFIVNFCIDFFTAPIPDAQLLSTIGHQLGMLKLEKKVWPHFGSAGN
MGLIGESMPMKRLRDQIKRIGPTDVSILIYGESGTGKETVAKAIHKTSSRAQKPFISVNCRAMSEKRLESELFGLGETEE
GQQPFLLQADGGTLLLNDILTLPKSQQLNLLRFLQEGTVETRQGVRAVDVRILAANSSDIEKALIDGDFNEELYHYINVL
RINVPSLKERASDIVLLAKHFLQEYSKEYNAQARSFSDDAVRGLTRYHWPGNVRELMNQIKRVVLMSDTVVLDESQLDL
;
_entity_poly.pdbx_strand_id   A,D
#
# COMPACT_ATOMS: atom_id res chain seq x y z
N SER A 26 -24.69 -17.66 3.56
CA SER A 26 -23.47 -17.06 3.06
C SER A 26 -23.59 -16.73 1.58
N VAL A 27 -23.21 -15.51 1.22
CA VAL A 27 -23.18 -15.13 -0.19
C VAL A 27 -21.83 -14.46 -0.53
N PRO A 28 -20.71 -15.21 -0.36
CA PRO A 28 -19.43 -14.57 -0.61
C PRO A 28 -18.79 -15.00 -1.94
N GLY A 29 -19.46 -14.75 -3.06
CA GLY A 29 -18.94 -15.15 -4.35
C GLY A 29 -19.41 -14.18 -5.42
N SER A 30 -18.47 -13.63 -6.17
CA SER A 30 -18.80 -12.61 -7.16
C SER A 30 -17.83 -12.56 -8.32
N LEU A 31 -18.35 -12.46 -9.54
CA LEU A 31 -17.51 -12.27 -10.71
C LEU A 31 -17.93 -10.98 -11.40
N VAL A 32 -17.08 -10.47 -12.28
CA VAL A 32 -17.34 -9.18 -12.92
C VAL A 32 -17.03 -9.18 -14.42
N VAL A 33 -18.09 -9.00 -15.22
CA VAL A 33 -17.98 -8.89 -16.68
C VAL A 33 -19.34 -8.55 -17.30
N VAL A 34 -19.31 -7.93 -18.47
CA VAL A 34 -20.53 -7.66 -19.23
C VAL A 34 -20.99 -8.93 -19.95
N GLY A 35 -20.13 -9.93 -19.99
CA GLY A 35 -20.44 -11.18 -20.65
C GLY A 35 -21.17 -12.13 -19.73
N GLY A 36 -22.43 -11.82 -19.46
CA GLY A 36 -23.26 -12.66 -18.61
C GLY A 36 -23.79 -13.90 -19.29
N THR A 37 -23.05 -14.37 -20.28
CA THR A 37 -23.41 -15.58 -21.00
C THR A 37 -22.32 -16.64 -20.87
N TYR A 38 -21.45 -16.47 -19.88
CA TYR A 38 -20.37 -17.41 -19.64
C TYR A 38 -20.87 -18.63 -18.88
N GLU A 39 -21.85 -19.28 -19.48
CA GLU A 39 -22.44 -20.54 -19.02
C GLU A 39 -21.46 -21.72 -18.84
N PRO A 40 -20.38 -21.78 -19.65
CA PRO A 40 -19.46 -22.91 -19.38
C PRO A 40 -18.86 -23.01 -17.97
N TRP A 41 -19.23 -22.12 -17.05
CA TRP A 41 -18.70 -22.20 -15.69
C TRP A 41 -19.53 -21.47 -14.63
N LEU A 42 -20.62 -20.83 -15.03
CA LEU A 42 -21.44 -20.10 -14.07
C LEU A 42 -22.57 -20.97 -13.47
N PRO A 43 -23.38 -21.64 -14.32
CA PRO A 43 -24.41 -22.49 -13.71
C PRO A 43 -23.84 -23.74 -13.03
N VAL A 44 -22.55 -23.97 -13.19
CA VAL A 44 -21.88 -25.07 -12.50
C VAL A 44 -21.87 -24.80 -11.00
N LEU A 45 -22.04 -23.52 -10.66
CA LEU A 45 -22.16 -23.11 -9.28
C LEU A 45 -23.63 -22.96 -8.90
N GLU A 46 -24.48 -22.81 -9.90
CA GLU A 46 -25.92 -22.77 -9.69
C GLU A 46 -26.42 -24.13 -9.22
N LYS A 47 -25.93 -25.18 -9.88
CA LYS A 47 -26.37 -26.54 -9.58
C LYS A 47 -25.71 -27.09 -8.33
N VAL A 48 -24.45 -26.75 -8.11
CA VAL A 48 -23.71 -27.28 -6.97
C VAL A 48 -24.12 -26.57 -5.67
N GLY A 49 -24.84 -25.46 -5.80
CA GLY A 49 -25.34 -24.74 -4.65
C GLY A 49 -24.35 -23.74 -4.08
N TRP A 50 -23.81 -22.89 -4.95
CA TRP A 50 -22.84 -21.89 -4.54
C TRP A 50 -23.23 -20.50 -5.06
N ARG A 51 -24.15 -20.49 -6.03
CA ARG A 51 -24.75 -19.25 -6.55
C ARG A 51 -23.71 -18.28 -7.11
N CYS A 52 -24.14 -17.07 -7.43
CA CYS A 52 -23.25 -16.11 -8.08
C CYS A 52 -23.60 -14.66 -7.77
N THR A 53 -22.76 -13.75 -8.26
CA THR A 53 -22.99 -12.31 -8.12
C THR A 53 -22.21 -11.60 -9.22
N GLN A 54 -22.90 -11.15 -10.26
CA GLN A 54 -22.25 -10.72 -11.48
C GLN A 54 -22.26 -9.20 -11.66
N VAL A 55 -21.08 -8.63 -11.88
CA VAL A 55 -20.96 -7.21 -12.16
C VAL A 55 -20.57 -6.98 -13.60
N ALA A 56 -21.07 -5.90 -14.20
CA ALA A 56 -20.78 -5.63 -15.60
C ALA A 56 -19.84 -4.45 -15.76
N ASP A 57 -19.96 -3.48 -14.85
CA ASP A 57 -19.16 -2.26 -14.95
C ASP A 57 -17.93 -2.31 -14.05
N LEU A 58 -17.34 -1.14 -13.80
CA LEU A 58 -16.10 -1.04 -13.03
C LEU A 58 -16.30 -0.19 -11.80
N ARG A 59 -17.14 0.84 -11.93
CA ARG A 59 -17.45 1.72 -10.81
C ARG A 59 -18.28 0.97 -9.77
N LYS A 60 -19.18 0.12 -10.27
CA LYS A 60 -20.05 -0.66 -9.41
C LYS A 60 -19.31 -1.70 -8.56
N PRO A 61 -18.46 -2.55 -9.17
CA PRO A 61 -17.79 -3.54 -8.31
C PRO A 61 -16.86 -2.91 -7.29
N ASP A 62 -16.31 -1.75 -7.62
CA ASP A 62 -15.46 -1.03 -6.68
C ASP A 62 -16.19 -0.81 -5.35
N ALA A 63 -17.40 -0.28 -5.42
CA ALA A 63 -18.22 -0.09 -4.24
C ALA A 63 -18.67 -1.44 -3.68
N LEU A 64 -18.90 -2.39 -4.58
CA LEU A 64 -19.32 -3.72 -4.18
C LEU A 64 -18.23 -4.42 -3.36
N PHE A 65 -17.04 -4.49 -3.93
CA PHE A 65 -15.90 -5.11 -3.25
C PHE A 65 -15.58 -4.40 -1.94
N VAL A 66 -16.01 -3.14 -1.85
CA VAL A 66 -15.83 -2.35 -0.66
C VAL A 66 -16.71 -2.86 0.48
N GLU A 67 -17.96 -3.21 0.17
CA GLU A 67 -18.91 -3.60 1.22
C GLU A 67 -18.99 -5.12 1.44
N THR A 68 -18.22 -5.88 0.67
CA THR A 68 -18.30 -7.33 0.75
C THR A 68 -17.20 -7.96 1.61
N GLY A 69 -16.08 -7.24 1.76
CA GLY A 69 -14.98 -7.73 2.56
C GLY A 69 -14.35 -8.98 1.98
N PRO A 70 -13.78 -9.83 2.85
CA PRO A 70 -13.15 -11.08 2.44
C PRO A 70 -14.08 -11.93 1.60
N CYS A 71 -13.71 -12.15 0.35
CA CYS A 71 -14.55 -12.92 -0.57
C CYS A 71 -13.73 -13.45 -1.73
N ILE A 72 -14.39 -14.15 -2.62
CA ILE A 72 -13.75 -14.66 -3.82
C ILE A 72 -14.31 -13.95 -5.03
N GLY A 73 -13.42 -13.32 -5.80
CA GLY A 73 -13.81 -12.56 -6.97
C GLY A 73 -13.11 -12.99 -8.24
N ILE A 74 -13.88 -13.23 -9.29
CA ILE A 74 -13.31 -13.67 -10.55
C ILE A 74 -13.39 -12.58 -11.60
N VAL A 75 -12.25 -12.28 -12.19
CA VAL A 75 -12.19 -11.28 -13.26
C VAL A 75 -12.14 -11.98 -14.60
N ASP A 76 -13.17 -11.78 -15.41
CA ASP A 76 -13.21 -12.36 -16.74
C ASP A 76 -12.52 -11.47 -17.77
N LEU A 77 -11.25 -11.74 -18.02
CA LEU A 77 -10.50 -10.98 -18.99
C LEU A 77 -10.31 -11.78 -20.27
N SER A 78 -11.42 -12.29 -20.81
CA SER A 78 -11.42 -12.94 -22.11
C SER A 78 -11.64 -11.88 -23.17
N HIS A 79 -10.88 -10.78 -23.05
CA HIS A 79 -10.97 -9.65 -23.97
C HIS A 79 -12.40 -9.10 -24.02
N ASP A 80 -13.04 -9.07 -22.86
CA ASP A 80 -14.45 -8.67 -22.80
C ASP A 80 -14.62 -7.18 -22.58
N GLU A 81 -13.65 -6.40 -23.06
CA GLU A 81 -13.80 -4.96 -23.21
C GLU A 81 -13.99 -4.17 -21.91
N PHE A 82 -12.94 -4.06 -21.10
CA PHE A 82 -12.95 -3.13 -19.96
C PHE A 82 -11.54 -2.91 -19.35
N SER A 83 -10.81 -1.96 -19.92
CA SER A 83 -9.54 -1.47 -19.38
C SER A 83 -8.51 -2.54 -19.03
N LEU A 84 -7.47 -2.11 -18.31
CA LEU A 84 -6.44 -3.01 -17.80
C LEU A 84 -5.69 -2.28 -16.70
N ASN A 85 -5.49 -0.99 -16.91
CA ASN A 85 -4.93 -0.12 -15.88
C ASN A 85 -5.90 -0.06 -14.71
N GLY A 86 -7.18 0.11 -15.04
CA GLY A 86 -8.23 0.17 -14.04
C GLY A 86 -8.49 -1.19 -13.40
N ILE A 87 -8.16 -2.25 -14.12
CA ILE A 87 -8.30 -3.60 -13.60
C ILE A 87 -7.40 -3.80 -12.39
N ALA A 88 -6.10 -3.54 -12.58
CA ALA A 88 -5.13 -3.67 -11.51
C ALA A 88 -5.41 -2.69 -10.39
N ASN A 89 -6.10 -1.59 -10.72
CA ASN A 89 -6.49 -0.61 -9.72
C ASN A 89 -7.53 -1.17 -8.76
N LEU A 90 -8.66 -1.61 -9.29
CA LEU A 90 -9.74 -2.15 -8.47
C LEU A 90 -9.27 -3.30 -7.60
N VAL A 91 -8.39 -4.12 -8.16
CA VAL A 91 -7.81 -5.23 -7.41
C VAL A 91 -6.97 -4.72 -6.25
N SER A 92 -6.20 -3.67 -6.50
CA SER A 92 -5.30 -3.14 -5.50
C SER A 92 -5.64 -1.73 -5.05
N SER A 93 -6.90 -1.34 -5.19
CA SER A 93 -7.32 -0.05 -4.65
C SER A 93 -7.09 -0.11 -3.15
N HIS A 94 -7.71 -1.12 -2.55
CA HIS A 94 -7.39 -1.54 -1.19
C HIS A 94 -7.96 -2.94 -1.03
N LYS A 95 -8.37 -3.51 -2.15
CA LYS A 95 -8.94 -4.84 -2.18
C LYS A 95 -7.84 -5.90 -2.12
N GLN A 96 -6.88 -5.71 -1.22
CA GLN A 96 -5.74 -6.62 -1.10
C GLN A 96 -6.05 -7.82 -0.21
N VAL A 97 -5.86 -7.66 1.10
CA VAL A 97 -6.05 -8.74 2.06
C VAL A 97 -7.52 -9.11 2.20
N ARG A 98 -8.39 -8.11 2.02
CA ARG A 98 -9.82 -8.32 2.17
C ARG A 98 -10.43 -8.93 0.92
N TRP A 99 -9.60 -9.51 0.06
CA TRP A 99 -10.09 -10.14 -1.16
C TRP A 99 -9.07 -11.11 -1.73
N LEU A 100 -9.52 -12.33 -2.00
CA LEU A 100 -8.64 -13.31 -2.62
C LEU A 100 -8.89 -13.33 -4.12
N ALA A 101 -7.93 -12.80 -4.87
CA ALA A 101 -8.09 -12.54 -6.29
C ALA A 101 -8.11 -13.81 -7.15
N PHE A 102 -8.94 -13.77 -8.19
CA PHE A 102 -8.98 -14.84 -9.17
C PHE A 102 -9.39 -14.28 -10.52
N ILE A 103 -8.93 -14.92 -11.60
CA ILE A 103 -9.13 -14.37 -12.93
C ILE A 103 -9.55 -15.40 -13.98
N ARG A 104 -10.33 -14.94 -14.95
CA ARG A 104 -10.67 -15.75 -16.12
C ARG A 104 -10.17 -15.05 -17.38
N GLU A 105 -9.39 -15.78 -18.18
CA GLU A 105 -8.82 -15.24 -19.40
C GLU A 105 -9.05 -16.18 -20.57
N ALA A 106 -8.93 -15.68 -21.79
CA ALA A 106 -9.07 -16.52 -22.96
C ALA A 106 -7.83 -17.42 -23.05
N GLN A 107 -8.05 -18.66 -23.47
CA GLN A 107 -6.99 -19.67 -23.52
C GLN A 107 -5.75 -19.25 -24.31
N LEU A 108 -5.91 -18.26 -25.18
CA LEU A 108 -4.81 -17.78 -26.00
C LEU A 108 -4.52 -16.30 -25.74
N SER A 109 -4.60 -15.89 -24.48
CA SER A 109 -4.46 -14.48 -24.14
C SER A 109 -3.36 -14.21 -23.10
N SER A 110 -2.63 -15.24 -22.71
CA SER A 110 -1.59 -15.10 -21.71
C SER A 110 -0.23 -14.81 -22.33
N ASP A 111 -0.07 -13.61 -22.87
CA ASP A 111 1.19 -13.23 -23.51
C ASP A 111 1.74 -11.89 -23.04
N THR A 112 1.02 -10.80 -23.36
CA THR A 112 1.48 -9.46 -23.02
C THR A 112 1.40 -9.18 -21.51
N ILE A 113 0.43 -8.36 -21.12
CA ILE A 113 0.30 -7.98 -19.72
C ILE A 113 -0.28 -9.15 -18.92
N CYS A 114 0.45 -10.26 -18.90
CA CYS A 114 0.14 -11.38 -18.03
C CYS A 114 0.78 -11.11 -16.68
N GLN A 115 1.48 -9.98 -16.60
CA GLN A 115 2.15 -9.54 -15.39
C GLN A 115 1.14 -9.08 -14.34
N PHE A 116 -0.15 -9.13 -14.69
CA PHE A 116 -1.20 -8.77 -13.75
C PHE A 116 -1.22 -9.76 -12.57
N ILE A 117 -0.53 -10.88 -12.76
CA ILE A 117 -0.33 -11.85 -11.70
C ILE A 117 0.79 -11.39 -10.76
N VAL A 118 1.19 -10.12 -10.86
CA VAL A 118 2.00 -9.51 -9.82
C VAL A 118 1.09 -9.44 -8.60
N ASN A 119 -0.22 -9.34 -8.86
CA ASN A 119 -1.23 -9.47 -7.82
C ASN A 119 -1.61 -10.94 -7.66
N PHE A 120 -0.62 -11.82 -7.84
CA PHE A 120 -0.74 -13.31 -7.85
C PHE A 120 -2.16 -13.87 -7.68
N CYS A 121 -3.01 -13.66 -8.66
CA CYS A 121 -4.44 -13.93 -8.49
C CYS A 121 -4.73 -15.41 -8.25
N ILE A 122 -3.95 -15.99 -7.34
CA ILE A 122 -4.02 -17.38 -6.96
C ILE A 122 -3.94 -18.26 -8.19
N ASP A 123 -4.97 -18.22 -9.02
CA ASP A 123 -4.94 -18.99 -10.25
C ASP A 123 -5.71 -18.31 -11.38
N PHE A 124 -5.37 -18.71 -12.60
CA PHE A 124 -6.03 -18.23 -13.80
C PHE A 124 -7.18 -19.16 -14.16
N PHE A 125 -7.67 -19.09 -15.40
CA PHE A 125 -8.80 -19.92 -15.80
C PHE A 125 -8.72 -20.32 -17.28
N THR A 126 -8.76 -21.62 -17.54
CA THR A 126 -8.68 -22.14 -18.90
C THR A 126 -10.05 -22.17 -19.56
N ALA A 127 -10.06 -22.47 -20.84
CA ALA A 127 -11.31 -22.66 -21.57
C ALA A 127 -11.73 -24.13 -21.62
N PRO A 128 -10.76 -25.05 -21.83
CA PRO A 128 -11.20 -26.45 -21.69
C PRO A 128 -11.66 -26.77 -20.27
N ILE A 129 -12.90 -26.42 -19.99
CA ILE A 129 -13.48 -26.60 -18.66
C ILE A 129 -13.54 -28.07 -18.25
N PRO A 130 -12.75 -28.43 -17.23
CA PRO A 130 -12.92 -29.72 -16.57
C PRO A 130 -14.04 -29.61 -15.57
N ASP A 131 -15.29 -29.56 -16.07
CA ASP A 131 -16.46 -29.31 -15.24
C ASP A 131 -16.55 -30.24 -14.04
N ALA A 132 -15.54 -30.16 -13.19
CA ALA A 132 -15.40 -30.96 -11.98
C ALA A 132 -14.09 -30.59 -11.26
N GLN A 133 -13.10 -30.16 -12.03
CA GLN A 133 -11.80 -29.81 -11.46
C GLN A 133 -11.72 -28.35 -11.06
N LEU A 134 -12.43 -27.49 -11.79
CA LEU A 134 -12.44 -26.08 -11.46
C LEU A 134 -12.94 -25.87 -10.04
N LEU A 135 -13.79 -26.77 -9.58
CA LEU A 135 -14.30 -26.72 -8.21
C LEU A 135 -13.19 -27.05 -7.23
N SER A 136 -12.26 -27.90 -7.65
CA SER A 136 -11.13 -28.26 -6.80
C SER A 136 -10.23 -27.04 -6.63
N THR A 137 -10.23 -26.18 -7.62
CA THR A 137 -9.51 -24.92 -7.52
C THR A 137 -10.23 -23.99 -6.56
N ILE A 138 -11.54 -23.84 -6.77
CA ILE A 138 -12.36 -22.91 -5.99
C ILE A 138 -12.72 -23.43 -4.61
N GLY A 139 -13.16 -24.67 -4.54
CA GLY A 139 -13.62 -25.26 -3.29
C GLY A 139 -12.54 -25.25 -2.23
N HIS A 140 -11.30 -25.38 -2.66
CA HIS A 140 -10.16 -25.30 -1.76
C HIS A 140 -9.90 -23.85 -1.37
N GLN A 141 -10.42 -22.92 -2.16
CA GLN A 141 -10.27 -21.51 -1.83
C GLN A 141 -11.57 -20.96 -1.26
N LEU A 142 -12.67 -21.59 -1.63
CA LEU A 142 -13.97 -21.28 -1.04
C LEU A 142 -13.94 -21.67 0.43
N GLY A 143 -13.47 -22.87 0.71
CA GLY A 143 -13.30 -23.34 2.07
C GLY A 143 -12.22 -22.53 2.77
N MET A 144 -11.25 -22.07 1.99
CA MET A 144 -10.17 -21.24 2.52
C MET A 144 -10.75 -19.96 3.11
N LEU A 145 -11.83 -19.48 2.49
CA LEU A 145 -12.50 -18.28 2.94
C LEU A 145 -13.53 -18.59 4.03
N LYS A 146 -14.20 -19.73 3.87
CA LYS A 146 -15.28 -20.14 4.74
C LYS A 146 -14.89 -20.19 6.22
N LEU A 147 -13.63 -20.48 6.51
CA LEU A 147 -13.19 -20.57 7.90
C LEU A 147 -13.36 -19.24 8.62
N GLU A 148 -12.95 -18.16 7.95
CA GLU A 148 -13.04 -16.82 8.52
C GLU A 148 -14.49 -16.43 8.81
N LYS A 149 -15.36 -16.69 7.83
CA LYS A 149 -16.76 -16.29 7.92
C LYS A 149 -17.55 -17.22 8.83
N LYS A 150 -17.01 -18.40 9.09
CA LYS A 150 -17.69 -19.37 9.95
C LYS A 150 -17.62 -19.01 11.44
N VAL A 151 -16.39 -18.79 11.92
CA VAL A 151 -16.14 -18.59 13.34
C VAL A 151 -16.84 -17.33 13.86
N TRP A 152 -17.13 -16.41 12.94
CA TRP A 152 -17.95 -15.24 13.27
C TRP A 152 -18.60 -14.64 12.01
N PRO A 153 -19.80 -15.13 11.67
CA PRO A 153 -20.51 -14.74 10.44
C PRO A 153 -21.31 -13.44 10.54
N HIS A 154 -21.30 -12.67 9.45
CA HIS A 154 -22.16 -11.50 9.28
C HIS A 154 -22.15 -10.56 10.47
N PHE A 155 -20.98 -10.02 10.81
CA PHE A 155 -20.89 -9.06 11.88
C PHE A 155 -20.63 -7.66 11.32
N GLY A 156 -20.89 -6.64 12.12
CA GLY A 156 -20.68 -5.28 11.70
C GLY A 156 -21.09 -4.23 12.73
N SER A 157 -21.22 -4.65 13.99
CA SER A 157 -21.65 -3.75 15.05
C SER A 157 -21.21 -4.27 16.42
N ALA A 158 -21.73 -3.66 17.48
CA ALA A 158 -21.42 -4.04 18.86
C ALA A 158 -19.92 -3.95 19.14
N GLY A 159 -19.37 -5.01 19.72
CA GLY A 159 -17.97 -5.05 20.12
C GLY A 159 -17.71 -3.98 21.16
N ASN A 160 -18.52 -3.99 22.22
CA ASN A 160 -18.53 -2.95 23.23
C ASN A 160 -18.81 -1.59 22.56
N MET A 161 -19.92 -1.57 21.82
CA MET A 161 -20.41 -0.37 21.13
C MET A 161 -19.39 0.21 20.15
N GLY A 162 -18.59 -0.68 19.55
CA GLY A 162 -17.58 -0.25 18.61
C GLY A 162 -16.55 0.66 19.27
N LEU A 163 -16.49 0.58 20.59
CA LEU A 163 -15.55 1.38 21.39
C LEU A 163 -15.74 2.88 21.19
N ILE A 164 -15.84 3.34 19.95
CA ILE A 164 -16.13 4.73 19.67
C ILE A 164 -17.40 4.88 18.84
N GLY A 165 -17.25 4.90 17.52
CA GLY A 165 -18.37 5.23 16.66
C GLY A 165 -19.07 4.05 15.99
N GLU A 166 -19.96 4.37 15.05
CA GLU A 166 -20.70 3.38 14.29
C GLU A 166 -21.37 4.02 13.08
N SER A 167 -20.61 4.18 12.00
CA SER A 167 -21.15 4.71 10.75
C SER A 167 -21.11 3.64 9.66
N MET A 168 -20.73 4.05 8.46
CA MET A 168 -20.56 3.12 7.36
C MET A 168 -19.08 2.77 7.13
N PRO A 169 -18.17 3.77 7.15
CA PRO A 169 -16.75 3.38 7.13
C PRO A 169 -16.34 2.68 8.41
N MET A 170 -17.08 2.95 9.49
CA MET A 170 -16.86 2.32 10.77
C MET A 170 -17.17 0.84 10.69
N LYS A 171 -18.19 0.50 9.92
CA LYS A 171 -18.54 -0.90 9.69
C LYS A 171 -17.38 -1.64 9.04
N ARG A 172 -16.90 -1.08 7.94
CA ARG A 172 -15.74 -1.62 7.21
C ARG A 172 -14.53 -1.75 8.12
N LEU A 173 -14.33 -0.73 8.95
CA LEU A 173 -13.21 -0.70 9.86
C LEU A 173 -13.22 -1.88 10.82
N ARG A 174 -14.33 -1.99 11.55
CA ARG A 174 -14.49 -3.01 12.58
C ARG A 174 -14.41 -4.42 12.02
N ASP A 175 -14.78 -4.58 10.75
CA ASP A 175 -14.69 -5.88 10.09
C ASP A 175 -13.26 -6.19 9.70
N GLN A 176 -12.51 -5.16 9.35
CA GLN A 176 -11.08 -5.32 9.08
C GLN A 176 -10.36 -5.68 10.37
N ILE A 177 -10.62 -4.90 11.41
CA ILE A 177 -10.01 -5.11 12.73
C ILE A 177 -10.16 -6.54 13.20
N LYS A 178 -11.38 -7.05 13.09
CA LYS A 178 -11.71 -8.38 13.59
C LYS A 178 -10.89 -9.45 12.89
N ARG A 179 -10.80 -9.36 11.57
CA ARG A 179 -10.10 -10.37 10.79
C ARG A 179 -8.59 -10.21 10.85
N ILE A 180 -8.12 -9.02 11.20
CA ILE A 180 -6.68 -8.81 11.36
C ILE A 180 -6.28 -8.79 12.82
N GLY A 181 -7.26 -8.92 13.69
CA GLY A 181 -7.03 -8.93 15.12
C GLY A 181 -6.11 -10.02 15.60
N PRO A 182 -6.61 -11.27 15.63
CA PRO A 182 -5.93 -12.45 16.18
C PRO A 182 -4.52 -12.68 15.63
N THR A 183 -4.27 -12.31 14.39
CA THR A 183 -2.96 -12.46 13.77
C THR A 183 -1.89 -11.66 14.53
N ASP A 184 -1.03 -12.37 15.27
CA ASP A 184 -0.04 -11.74 16.13
C ASP A 184 1.16 -11.17 15.36
N VAL A 185 0.89 -10.55 14.21
CA VAL A 185 1.92 -9.87 13.44
C VAL A 185 1.73 -8.37 13.62
N SER A 186 2.81 -7.61 13.41
CA SER A 186 2.74 -6.15 13.56
C SER A 186 1.85 -5.53 12.50
N ILE A 187 1.02 -4.58 12.93
CA ILE A 187 0.09 -3.91 12.04
C ILE A 187 0.36 -2.40 12.06
N LEU A 188 0.39 -1.79 10.88
CA LEU A 188 0.63 -0.36 10.79
C LEU A 188 -0.66 0.45 10.84
N ILE A 189 -0.81 1.23 11.91
CA ILE A 189 -1.98 2.09 12.07
C ILE A 189 -1.68 3.50 11.61
N TYR A 190 -2.48 4.01 10.68
CA TYR A 190 -2.30 5.38 10.23
C TYR A 190 -3.64 6.09 10.02
N GLY A 191 -3.59 7.41 10.05
CA GLY A 191 -4.77 8.26 9.95
C GLY A 191 -4.40 9.63 10.47
N GLU A 192 -5.32 10.58 10.40
CA GLU A 192 -5.06 11.94 10.88
C GLU A 192 -4.76 11.92 12.37
N SER A 193 -4.07 12.94 12.86
CA SER A 193 -3.78 13.04 14.28
C SER A 193 -5.08 13.25 15.05
N GLY A 194 -5.21 12.57 16.19
CA GLY A 194 -6.40 12.70 17.01
C GLY A 194 -7.60 11.98 16.42
N THR A 195 -7.33 10.93 15.65
CA THR A 195 -8.40 10.13 15.07
C THR A 195 -8.77 8.97 15.99
N GLY A 196 -7.87 8.64 16.92
CA GLY A 196 -8.09 7.54 17.83
C GLY A 196 -7.32 6.30 17.43
N LYS A 197 -6.13 6.50 16.88
CA LYS A 197 -5.27 5.40 16.48
C LYS A 197 -4.92 4.55 17.70
N GLU A 198 -4.75 5.22 18.84
CA GLU A 198 -4.44 4.54 20.09
C GLU A 198 -5.60 3.68 20.56
N THR A 199 -6.82 4.14 20.26
CA THR A 199 -8.03 3.40 20.63
C THR A 199 -8.08 2.07 19.90
N VAL A 200 -7.76 2.12 18.60
CA VAL A 200 -7.78 0.93 17.75
C VAL A 200 -6.79 -0.11 18.25
N ALA A 201 -5.63 0.36 18.69
CA ALA A 201 -4.58 -0.50 19.22
C ALA A 201 -5.12 -1.38 20.35
N LYS A 202 -6.03 -0.81 21.14
CA LYS A 202 -6.69 -1.58 22.20
C LYS A 202 -7.69 -2.57 21.64
N ALA A 203 -8.31 -2.22 20.52
CA ALA A 203 -9.37 -3.04 19.94
C ALA A 203 -8.84 -4.36 19.40
N ILE A 204 -7.75 -4.30 18.65
CA ILE A 204 -7.14 -5.51 18.09
C ILE A 204 -6.53 -6.38 19.17
N HIS A 205 -6.14 -5.74 20.27
CA HIS A 205 -5.58 -6.45 21.40
C HIS A 205 -6.64 -7.31 22.08
N LYS A 206 -7.87 -6.82 22.09
CA LYS A 206 -8.98 -7.58 22.65
C LYS A 206 -9.25 -8.83 21.82
N THR A 207 -8.99 -8.73 20.52
CA THR A 207 -9.21 -9.83 19.61
C THR A 207 -7.97 -10.71 19.53
N SER A 208 -6.84 -10.15 19.97
CA SER A 208 -5.56 -10.86 19.89
C SER A 208 -5.41 -11.95 20.93
N SER A 209 -6.47 -12.21 21.70
CA SER A 209 -6.49 -13.26 22.73
C SER A 209 -5.53 -13.00 23.88
N ARG A 210 -4.66 -12.00 23.75
CA ARG A 210 -3.77 -11.61 24.83
C ARG A 210 -4.32 -10.37 25.51
N ALA A 211 -5.64 -10.21 25.43
CA ALA A 211 -6.31 -9.02 25.95
C ALA A 211 -6.02 -8.84 27.44
N GLN A 212 -6.20 -9.91 28.20
CA GLN A 212 -5.95 -9.88 29.64
C GLN A 212 -4.50 -9.48 29.91
N LYS A 213 -3.60 -9.96 29.06
CA LYS A 213 -2.20 -9.60 29.19
C LYS A 213 -2.03 -8.11 28.94
N PRO A 214 -1.09 -7.47 29.66
CA PRO A 214 -0.71 -6.05 29.65
C PRO A 214 -0.81 -5.30 28.32
N PHE A 215 -0.88 -3.99 28.41
CA PHE A 215 -0.90 -3.11 27.24
C PHE A 215 -0.20 -1.79 27.54
N ILE A 216 0.62 -1.33 26.61
CA ILE A 216 1.36 -0.08 26.78
C ILE A 216 1.30 0.82 25.54
N SER A 217 0.67 1.98 25.70
CA SER A 217 0.67 2.97 24.64
C SER A 217 1.79 3.99 24.91
N VAL A 218 2.63 4.23 23.90
CA VAL A 218 3.76 5.16 24.05
C VAL A 218 3.70 6.36 23.10
N ASN A 219 3.63 7.55 23.67
CA ASN A 219 3.72 8.78 22.90
C ASN A 219 5.17 9.10 22.54
N CYS A 220 5.52 8.86 21.29
CA CYS A 220 6.91 8.97 20.85
C CYS A 220 7.24 10.34 20.31
N ARG A 221 6.27 11.26 20.38
CA ARG A 221 6.45 12.61 19.85
C ARG A 221 7.61 13.29 20.56
N ALA A 222 7.72 13.06 21.87
CA ALA A 222 8.82 13.61 22.64
C ALA A 222 9.90 12.55 22.87
N MET A 223 9.89 11.97 24.08
CA MET A 223 10.81 10.90 24.47
C MET A 223 12.30 11.27 24.39
N SER A 224 12.74 11.69 23.21
CA SER A 224 14.16 12.00 22.95
C SER A 224 15.03 10.75 23.13
N GLU A 225 16.28 10.84 22.69
CA GLU A 225 17.16 9.68 22.69
C GLU A 225 17.52 9.18 24.11
N LYS A 226 17.33 10.03 25.11
CA LYS A 226 17.69 9.70 26.49
C LYS A 226 16.81 8.57 27.05
N ARG A 227 15.56 8.89 27.36
CA ARG A 227 14.65 7.93 27.98
C ARG A 227 14.35 6.77 27.04
N LEU A 228 14.34 7.05 25.74
CA LEU A 228 14.00 6.06 24.73
C LEU A 228 14.98 4.89 24.74
N GLU A 229 16.24 5.19 25.04
CA GLU A 229 17.27 4.15 25.07
C GLU A 229 17.22 3.39 26.39
N SER A 230 16.83 4.09 27.45
CA SER A 230 16.79 3.50 28.78
C SER A 230 15.71 2.42 28.91
N GLU A 231 14.86 2.33 27.90
CA GLU A 231 13.78 1.35 27.92
C GLU A 231 14.11 0.11 27.09
N LEU A 232 15.36 0.02 26.64
CA LEU A 232 15.83 -1.15 25.93
C LEU A 232 17.23 -1.53 26.41
N PHE A 233 18.03 -0.51 26.65
CA PHE A 233 19.38 -0.69 27.15
C PHE A 233 19.71 0.51 28.04
N GLY A 234 19.94 1.65 27.39
CA GLY A 234 20.09 2.90 28.09
C GLY A 234 21.45 3.16 28.70
N LEU A 235 21.67 4.43 29.04
CA LEU A 235 22.89 4.86 29.70
C LEU A 235 22.98 4.19 31.07
N GLY A 236 24.11 4.34 31.74
CA GLY A 236 24.31 3.76 33.07
C GLY A 236 23.32 4.26 34.12
N GLU A 237 22.29 4.97 33.67
CA GLU A 237 21.24 5.46 34.53
C GLU A 237 20.24 4.35 34.82
N THR A 238 18.99 4.57 34.40
CA THR A 238 17.90 3.64 34.70
C THR A 238 17.90 3.34 36.20
N GLU A 239 17.63 4.39 36.98
CA GLU A 239 17.75 4.35 38.44
C GLU A 239 17.05 3.20 39.12
N GLU A 240 17.60 1.99 38.93
CA GLU A 240 17.12 0.77 39.57
C GLU A 240 15.70 0.38 39.18
N GLY A 241 15.40 -0.91 39.30
CA GLY A 241 14.10 -1.43 38.93
C GLY A 241 13.80 -1.13 37.48
N GLN A 242 13.15 0.01 37.24
CA GLN A 242 12.77 0.44 35.90
C GLN A 242 11.92 -0.59 35.18
N GLN A 243 12.59 -1.67 34.78
CA GLN A 243 11.96 -2.75 34.03
C GLN A 243 11.37 -2.20 32.74
N PRO A 244 12.16 -2.22 31.65
CA PRO A 244 11.79 -1.71 30.33
C PRO A 244 10.38 -2.10 29.91
N PHE A 245 9.71 -1.22 29.17
CA PHE A 245 8.32 -1.43 28.79
C PHE A 245 8.14 -2.74 28.02
N LEU A 246 9.14 -3.08 27.21
CA LEU A 246 9.14 -4.31 26.44
C LEU A 246 9.05 -5.51 27.37
N LEU A 247 9.82 -5.46 28.46
CA LEU A 247 9.79 -6.51 29.48
C LEU A 247 8.43 -6.55 30.17
N GLN A 248 7.86 -5.38 30.41
CA GLN A 248 6.58 -5.27 31.09
C GLN A 248 5.40 -5.56 30.16
N ALA A 249 5.67 -5.60 28.86
CA ALA A 249 4.63 -5.91 27.89
C ALA A 249 4.70 -7.36 27.44
N ASP A 250 5.44 -8.16 28.20
CA ASP A 250 5.65 -9.58 27.87
C ASP A 250 4.31 -10.31 27.78
N GLY A 251 3.99 -10.80 26.59
CA GLY A 251 2.73 -11.48 26.34
C GLY A 251 1.61 -10.50 26.05
N GLY A 252 1.82 -9.24 26.40
CA GLY A 252 0.82 -8.21 26.20
C GLY A 252 1.02 -7.48 24.89
N THR A 253 0.80 -6.16 24.90
CA THR A 253 0.87 -5.39 23.67
C THR A 253 1.46 -3.99 23.89
N LEU A 254 2.40 -3.61 23.02
CA LEU A 254 3.04 -2.30 23.11
C LEU A 254 2.68 -1.46 21.89
N LEU A 255 2.34 -0.20 22.15
CA LEU A 255 1.98 0.72 21.08
C LEU A 255 2.99 1.85 20.90
N LEU A 256 3.26 2.23 19.65
CA LEU A 256 4.23 3.28 19.36
C LEU A 256 3.62 4.36 18.47
N ASN A 257 3.09 5.39 19.10
CA ASN A 257 2.44 6.50 18.41
C ASN A 257 3.44 7.40 17.72
N ASP A 258 3.23 7.63 16.42
CA ASP A 258 4.14 8.43 15.60
C ASP A 258 5.54 7.85 15.63
N ILE A 259 5.65 6.65 15.09
CA ILE A 259 6.95 6.01 14.99
C ILE A 259 7.91 6.78 14.07
N LEU A 260 7.33 7.58 13.19
CA LEU A 260 8.10 8.38 12.25
C LEU A 260 9.04 9.32 12.99
N THR A 261 8.61 9.79 14.17
CA THR A 261 9.39 10.74 14.97
C THR A 261 10.66 10.14 15.56
N LEU A 262 10.73 8.82 15.61
CA LEU A 262 11.83 8.11 16.26
C LEU A 262 13.20 8.41 15.66
N PRO A 263 14.18 8.66 16.54
CA PRO A 263 15.58 8.83 16.11
C PRO A 263 16.07 7.55 15.45
N LYS A 264 17.04 7.67 14.55
CA LYS A 264 17.53 6.53 13.80
C LYS A 264 18.10 5.44 14.71
N SER A 265 18.88 5.85 15.70
CA SER A 265 19.54 4.91 16.62
C SER A 265 18.52 4.07 17.39
N GLN A 266 17.27 4.53 17.44
CA GLN A 266 16.22 3.81 18.16
C GLN A 266 15.48 2.85 17.25
N GLN A 267 15.26 3.29 16.01
CA GLN A 267 14.64 2.43 15.00
C GLN A 267 15.53 1.21 14.79
N LEU A 268 16.83 1.39 15.00
CA LEU A 268 17.79 0.31 15.01
C LEU A 268 17.50 -0.68 16.12
N ASN A 269 17.57 -0.20 17.37
CA ASN A 269 17.31 -1.04 18.53
C ASN A 269 15.95 -1.73 18.44
N LEU A 270 15.00 -1.05 17.80
CA LEU A 270 13.70 -1.64 17.56
C LEU A 270 13.82 -2.84 16.62
N LEU A 271 14.64 -2.69 15.58
CA LEU A 271 14.82 -3.74 14.59
C LEU A 271 15.50 -4.97 15.19
N ARG A 272 16.41 -4.75 16.14
CA ARG A 272 17.10 -5.85 16.79
C ARG A 272 16.11 -6.74 17.55
N PHE A 273 15.14 -6.11 18.19
CA PHE A 273 14.16 -6.83 18.98
C PHE A 273 13.22 -7.65 18.10
N LEU A 274 12.80 -7.08 16.98
CA LEU A 274 11.85 -7.77 16.11
C LEU A 274 12.46 -9.01 15.45
N GLN A 275 13.75 -9.19 15.66
CA GLN A 275 14.45 -10.38 15.19
C GLN A 275 14.84 -11.25 16.37
N GLU A 276 15.31 -10.60 17.44
CA GLU A 276 15.81 -11.31 18.61
C GLU A 276 14.78 -11.39 19.73
N GLY A 277 14.17 -10.26 20.05
CA GLY A 277 13.19 -10.22 21.12
C GLY A 277 13.84 -10.15 22.48
N THR A 278 14.97 -9.46 22.55
CA THR A 278 15.77 -9.41 23.76
C THR A 278 16.02 -7.97 24.24
N VAL A 279 16.00 -7.79 25.55
CA VAL A 279 16.26 -6.48 26.15
C VAL A 279 17.21 -6.60 27.32
N GLU A 280 18.10 -5.63 27.46
CA GLU A 280 19.05 -5.62 28.56
C GLU A 280 18.46 -4.98 29.81
N THR A 281 18.32 -5.79 30.86
CA THR A 281 17.78 -5.29 32.12
C THR A 281 18.87 -5.13 33.17
N ARG A 282 18.46 -4.85 34.40
CA ARG A 282 19.39 -4.75 35.51
C ARG A 282 19.77 -6.14 36.01
N GLN A 283 18.82 -7.06 35.98
CA GLN A 283 19.06 -8.42 36.45
C GLN A 283 19.10 -9.43 35.30
N GLY A 284 19.56 -8.98 34.13
CA GLY A 284 19.75 -9.88 33.01
C GLY A 284 19.18 -9.41 31.69
N VAL A 285 19.97 -9.55 30.63
CA VAL A 285 19.52 -9.25 29.29
C VAL A 285 18.60 -10.36 28.80
N ARG A 286 17.40 -10.43 29.35
CA ARG A 286 16.49 -11.53 29.06
C ARG A 286 15.64 -11.24 27.82
N ALA A 287 14.90 -12.25 27.36
CA ALA A 287 14.05 -12.12 26.19
C ALA A 287 12.57 -12.16 26.56
N VAL A 288 11.74 -11.49 25.77
CA VAL A 288 10.31 -11.43 26.03
C VAL A 288 9.49 -11.60 24.75
N ASP A 289 8.21 -11.91 24.92
CA ASP A 289 7.30 -12.07 23.79
C ASP A 289 6.26 -10.95 23.76
N VAL A 290 6.37 -10.06 22.77
CA VAL A 290 5.46 -8.93 22.64
C VAL A 290 4.97 -8.75 21.21
N ARG A 291 3.66 -8.56 21.04
CA ARG A 291 3.10 -8.18 19.76
C ARG A 291 3.18 -6.66 19.60
N ILE A 292 3.88 -6.19 18.56
CA ILE A 292 4.16 -4.77 18.43
C ILE A 292 3.24 -4.05 17.45
N LEU A 293 2.68 -2.93 17.90
CA LEU A 293 1.83 -2.09 17.06
C LEU A 293 2.45 -0.70 16.90
N ALA A 294 2.11 -0.03 15.80
CA ALA A 294 2.67 1.29 15.53
C ALA A 294 1.63 2.25 14.98
N ALA A 295 1.84 3.53 15.27
CA ALA A 295 0.94 4.58 14.79
C ALA A 295 1.73 5.63 14.03
N ASN A 296 1.13 6.18 12.99
CA ASN A 296 1.78 7.20 12.18
C ASN A 296 0.78 8.22 11.65
N SER A 297 1.27 9.40 11.32
CA SER A 297 0.43 10.46 10.77
C SER A 297 1.08 11.10 9.55
N SER A 298 2.37 10.80 9.35
CA SER A 298 3.16 11.44 8.29
C SER A 298 2.93 10.80 6.91
N ASP A 299 3.55 11.39 5.89
CA ASP A 299 3.40 10.91 4.51
C ASP A 299 4.26 9.68 4.25
N ILE A 300 5.06 9.30 5.25
CA ILE A 300 5.93 8.11 5.29
C ILE A 300 6.72 7.77 4.01
N GLU A 301 6.14 7.98 2.83
CA GLU A 301 6.81 7.66 1.58
C GLU A 301 8.06 8.51 1.41
N LYS A 302 7.97 9.79 1.81
CA LYS A 302 9.11 10.70 1.77
C LYS A 302 10.19 10.27 2.74
N ALA A 303 9.79 9.90 3.94
CA ALA A 303 10.73 9.47 4.98
C ALA A 303 11.50 8.24 4.55
N LEU A 304 10.84 7.36 3.81
CA LEU A 304 11.50 6.17 3.25
C LEU A 304 12.61 6.60 2.30
N ILE A 305 12.24 7.42 1.32
CA ILE A 305 13.18 7.95 0.36
C ILE A 305 14.29 8.73 1.05
N ASP A 306 13.91 9.77 1.79
CA ASP A 306 14.89 10.61 2.50
C ASP A 306 15.79 9.80 3.42
N GLY A 307 15.35 8.59 3.76
CA GLY A 307 16.16 7.70 4.59
C GLY A 307 16.03 8.04 6.05
N ASP A 308 15.03 8.85 6.37
CA ASP A 308 14.80 9.28 7.74
C ASP A 308 14.36 8.10 8.60
N PHE A 309 13.57 7.21 8.01
CA PHE A 309 13.10 6.03 8.72
C PHE A 309 13.60 4.74 8.06
N ASN A 310 13.83 3.72 8.89
CA ASN A 310 14.34 2.43 8.41
C ASN A 310 13.37 1.70 7.47
N GLU A 311 13.92 1.16 6.39
CA GLU A 311 13.14 0.47 5.37
C GLU A 311 12.85 -0.98 5.75
N GLU A 312 13.87 -1.69 6.21
CA GLU A 312 13.70 -3.09 6.60
C GLU A 312 12.72 -3.20 7.76
N LEU A 313 12.88 -2.29 8.71
CA LEU A 313 11.97 -2.18 9.84
C LEU A 313 10.55 -1.94 9.36
N TYR A 314 10.43 -1.09 8.35
CA TYR A 314 9.13 -0.76 7.76
C TYR A 314 8.45 -2.00 7.21
N HIS A 315 9.23 -2.87 6.57
CA HIS A 315 8.68 -4.11 6.02
C HIS A 315 8.29 -5.06 7.15
N TYR A 316 8.94 -4.91 8.29
CA TYR A 316 8.54 -5.67 9.48
C TYR A 316 7.23 -5.13 10.04
N ILE A 317 6.97 -3.85 9.81
CA ILE A 317 5.77 -3.22 10.35
C ILE A 317 4.62 -3.25 9.36
N ASN A 318 4.92 -2.91 8.11
CA ASN A 318 3.87 -2.77 7.11
C ASN A 318 3.34 -4.11 6.63
N VAL A 319 3.50 -5.15 7.45
CA VAL A 319 2.94 -6.45 7.14
C VAL A 319 1.42 -6.34 7.07
N LEU A 320 0.84 -5.58 7.99
CA LEU A 320 -0.58 -5.28 7.93
C LEU A 320 -0.83 -3.78 8.09
N ARG A 321 -1.69 -3.25 7.24
CA ARG A 321 -2.07 -1.85 7.33
C ARG A 321 -3.55 -1.73 7.66
N ILE A 322 -3.88 -0.75 8.49
CA ILE A 322 -5.27 -0.47 8.80
C ILE A 322 -5.58 1.00 8.55
N ASN A 323 -6.61 1.25 7.76
CA ASN A 323 -6.97 2.61 7.37
C ASN A 323 -7.96 3.24 8.34
N VAL A 324 -7.46 4.13 9.19
CA VAL A 324 -8.30 4.86 10.14
C VAL A 324 -8.92 6.07 9.47
N PRO A 325 -10.26 6.05 9.28
CA PRO A 325 -10.95 7.16 8.60
C PRO A 325 -10.80 8.47 9.34
N SER A 326 -10.91 9.57 8.60
CA SER A 326 -10.83 10.90 9.18
C SER A 326 -12.20 11.53 9.20
N LEU A 327 -12.31 12.74 8.66
CA LEU A 327 -13.61 13.38 8.49
C LEU A 327 -14.14 13.18 7.08
N LYS A 328 -13.79 12.03 6.52
CA LYS A 328 -14.22 11.66 5.18
C LYS A 328 -15.74 11.61 5.12
N GLU A 329 -16.30 10.54 5.68
CA GLU A 329 -17.73 10.38 5.77
C GLU A 329 -18.14 9.89 7.15
N ARG A 330 -18.10 10.77 8.14
CA ARG A 330 -18.48 10.39 9.48
C ARG A 330 -19.69 11.19 9.94
N ALA A 331 -20.50 11.62 8.97
CA ALA A 331 -21.66 12.47 9.25
C ALA A 331 -22.61 11.82 10.26
N SER A 332 -22.87 10.54 10.05
CA SER A 332 -23.74 9.78 10.96
C SER A 332 -23.03 9.54 12.29
N ASP A 333 -21.70 9.62 12.27
CA ASP A 333 -20.93 9.46 13.50
C ASP A 333 -20.80 10.81 14.21
N ILE A 334 -20.60 11.87 13.44
CA ILE A 334 -20.49 13.22 13.98
C ILE A 334 -21.64 13.50 14.93
N VAL A 335 -22.85 13.20 14.48
CA VAL A 335 -24.03 13.42 15.29
C VAL A 335 -24.06 12.50 16.50
N LEU A 336 -23.53 11.29 16.36
CA LEU A 336 -23.49 10.35 17.47
C LEU A 336 -22.29 10.59 18.38
N LEU A 337 -21.15 10.95 17.77
CA LEU A 337 -19.93 11.19 18.53
C LEU A 337 -20.13 12.31 19.53
N ALA A 338 -21.04 13.22 19.21
CA ALA A 338 -21.36 14.33 20.11
C ALA A 338 -22.19 13.86 21.30
N LYS A 339 -23.17 13.00 21.02
CA LYS A 339 -24.12 12.59 22.04
C LYS A 339 -23.45 11.80 23.17
N HIS A 340 -22.43 11.02 22.85
CA HIS A 340 -21.77 10.23 23.88
C HIS A 340 -20.90 11.09 24.78
N PHE A 341 -20.17 12.01 24.18
CA PHE A 341 -19.21 12.83 24.93
C PHE A 341 -19.93 13.60 26.02
N LEU A 342 -21.04 14.24 25.66
CA LEU A 342 -21.82 14.98 26.64
C LEU A 342 -22.34 14.06 27.73
N GLN A 343 -22.75 12.85 27.34
CA GLN A 343 -23.23 11.87 28.30
C GLN A 343 -22.08 11.44 29.22
N GLU A 344 -20.86 11.49 28.68
CA GLU A 344 -19.67 11.09 29.42
C GLU A 344 -19.03 12.28 30.13
N TYR A 345 -19.23 13.47 29.58
CA TYR A 345 -18.61 14.67 30.13
C TYR A 345 -19.49 15.42 31.12
N SER A 346 -20.78 15.52 30.83
CA SER A 346 -21.69 16.24 31.72
C SER A 346 -21.79 15.57 33.06
N LYS A 347 -22.06 14.27 33.05
CA LYS A 347 -22.18 13.49 34.27
C LYS A 347 -20.90 13.54 35.09
N GLU A 348 -19.77 13.57 34.40
CA GLU A 348 -18.47 13.59 35.06
C GLU A 348 -18.20 14.91 35.78
N TYR A 349 -18.70 16.01 35.21
CA TYR A 349 -18.43 17.33 35.77
C TYR A 349 -19.68 18.05 36.29
N ASN A 350 -20.75 17.29 36.51
CA ASN A 350 -22.01 17.81 37.06
C ASN A 350 -22.56 19.01 36.30
N ALA A 351 -22.91 18.81 35.04
CA ALA A 351 -23.39 19.90 34.19
C ALA A 351 -24.91 19.90 34.05
N GLN A 352 -25.44 21.03 33.59
CA GLN A 352 -26.87 21.18 33.36
C GLN A 352 -27.19 20.98 31.88
N ALA A 353 -26.18 21.17 31.03
CA ALA A 353 -26.32 20.93 29.61
C ALA A 353 -26.61 19.47 29.37
N ARG A 354 -27.62 19.17 28.55
CA ARG A 354 -28.04 17.79 28.34
C ARG A 354 -28.35 17.50 26.88
N SER A 355 -28.61 18.54 26.09
CA SER A 355 -29.03 18.34 24.70
C SER A 355 -28.42 19.38 23.76
N PHE A 356 -28.35 19.04 22.47
CA PHE A 356 -27.86 19.95 21.44
C PHE A 356 -28.98 20.69 20.70
N SER A 357 -28.65 21.82 20.09
CA SER A 357 -29.61 22.53 19.26
C SER A 357 -29.52 22.06 17.82
N ASP A 358 -30.63 22.16 17.09
CA ASP A 358 -30.68 21.69 15.71
C ASP A 358 -29.84 22.57 14.79
N ASP A 359 -29.44 23.73 15.30
CA ASP A 359 -28.54 24.62 14.58
C ASP A 359 -27.11 24.12 14.66
N ALA A 360 -26.75 23.67 15.86
CA ALA A 360 -25.41 23.16 16.11
C ALA A 360 -25.14 21.86 15.35
N VAL A 361 -26.20 21.18 14.93
CA VAL A 361 -26.06 19.90 14.25
C VAL A 361 -25.29 20.05 12.94
N ARG A 362 -25.83 20.83 12.02
CA ARG A 362 -25.23 21.01 10.70
C ARG A 362 -23.89 21.71 10.80
N GLY A 363 -23.75 22.58 11.79
CA GLY A 363 -22.52 23.34 11.99
C GLY A 363 -21.34 22.43 12.30
N LEU A 364 -21.58 21.39 13.09
CA LEU A 364 -20.52 20.47 13.48
C LEU A 364 -20.19 19.49 12.36
N THR A 365 -21.19 19.15 11.57
CA THR A 365 -20.99 18.25 10.44
C THR A 365 -20.11 18.90 9.38
N ARG A 366 -20.37 20.18 9.12
CA ARG A 366 -19.59 20.94 8.15
C ARG A 366 -18.14 21.12 8.60
N TYR A 367 -17.93 21.18 9.90
CA TYR A 367 -16.60 21.38 10.47
C TYR A 367 -15.62 20.30 9.98
N HIS A 368 -14.39 20.71 9.70
CA HIS A 368 -13.41 19.84 9.08
C HIS A 368 -12.70 18.94 10.09
N TRP A 369 -12.58 19.43 11.32
CA TRP A 369 -11.95 18.69 12.41
C TRP A 369 -10.57 18.16 12.05
N PRO A 370 -9.56 19.04 12.01
CA PRO A 370 -8.19 18.58 11.80
C PRO A 370 -7.74 17.61 12.89
N GLY A 371 -8.18 17.86 14.12
CA GLY A 371 -7.89 16.97 15.22
C GLY A 371 -8.92 15.86 15.32
N ASN A 372 -9.89 15.90 14.41
CA ASN A 372 -10.91 14.86 14.29
C ASN A 372 -11.61 14.54 15.60
N VAL A 373 -11.45 13.29 16.04
CA VAL A 373 -12.08 12.82 17.27
C VAL A 373 -11.64 13.64 18.48
N ARG A 374 -10.33 13.64 18.74
CA ARG A 374 -9.75 14.35 19.87
C ARG A 374 -10.19 15.81 19.91
N GLU A 375 -10.18 16.45 18.75
CA GLU A 375 -10.66 17.82 18.65
C GLU A 375 -12.13 17.89 19.01
N LEU A 376 -12.94 17.05 18.36
CA LEU A 376 -14.35 16.96 18.68
C LEU A 376 -14.53 16.49 20.12
N MET A 377 -13.53 15.79 20.64
CA MET A 377 -13.54 15.37 22.03
C MET A 377 -13.17 16.52 22.95
N ASN A 378 -12.17 17.30 22.53
CA ASN A 378 -11.69 18.42 23.32
C ASN A 378 -12.60 19.64 23.26
N GLN A 379 -13.07 19.96 22.06
CA GLN A 379 -13.90 21.15 21.87
C GLN A 379 -15.18 21.06 22.71
N ILE A 380 -15.86 19.92 22.62
CA ILE A 380 -17.06 19.66 23.41
C ILE A 380 -16.78 19.82 24.89
N LYS A 381 -15.62 19.33 25.33
CA LYS A 381 -15.22 19.41 26.72
C LYS A 381 -15.14 20.85 27.20
N ARG A 382 -14.60 21.73 26.35
CA ARG A 382 -14.42 23.13 26.70
C ARG A 382 -15.75 23.89 26.76
N VAL A 383 -16.72 23.46 25.95
CA VAL A 383 -18.00 24.13 25.89
C VAL A 383 -18.81 23.94 27.17
N VAL A 384 -18.75 22.72 27.70
CA VAL A 384 -19.50 22.35 28.90
C VAL A 384 -19.23 23.29 30.07
N LEU A 385 -17.96 23.60 30.31
CA LEU A 385 -17.57 24.42 31.45
C LEU A 385 -17.91 25.90 31.23
N MET A 386 -18.43 26.21 30.05
CA MET A 386 -18.81 27.58 29.73
C MET A 386 -20.32 27.75 29.73
N SER A 387 -21.02 26.83 29.08
CA SER A 387 -22.47 26.92 28.95
C SER A 387 -23.18 26.78 30.29
N ASP A 388 -24.01 27.76 30.61
CA ASP A 388 -24.78 27.75 31.86
C ASP A 388 -26.21 27.32 31.60
N THR A 389 -26.49 26.88 30.37
CA THR A 389 -27.82 26.43 29.98
C THR A 389 -27.87 24.91 29.83
N VAL A 390 -29.02 24.41 29.37
CA VAL A 390 -29.24 22.99 29.19
C VAL A 390 -29.02 22.57 27.74
N VAL A 391 -29.29 23.50 26.83
CA VAL A 391 -29.12 23.24 25.40
C VAL A 391 -28.11 24.21 24.77
N LEU A 392 -27.17 23.65 24.02
CA LEU A 392 -26.08 24.43 23.44
C LEU A 392 -26.54 25.19 22.20
N ASP A 393 -25.95 26.36 21.97
CA ASP A 393 -26.40 27.24 20.89
C ASP A 393 -25.33 27.48 19.82
N GLU A 394 -25.37 28.67 19.23
CA GLU A 394 -24.47 29.03 18.14
C GLU A 394 -23.08 29.40 18.66
N SER A 395 -22.91 29.43 19.98
CA SER A 395 -21.68 29.87 20.65
C SER A 395 -20.36 29.51 19.96
N GLN A 396 -19.35 30.34 20.22
CA GLN A 396 -18.02 30.23 19.59
C GLN A 396 -17.44 28.81 19.51
N LEU A 397 -18.12 27.96 18.74
CA LEU A 397 -17.62 26.63 18.44
C LEU A 397 -16.67 26.74 17.25
N ASP A 398 -16.52 27.97 16.76
CA ASP A 398 -15.71 28.26 15.59
C ASP A 398 -14.25 27.89 15.84
N LEU A 399 -13.72 28.29 16.99
CA LEU A 399 -12.33 28.05 17.35
C LEU A 399 -12.01 26.56 17.42
N SER B 26 12.11 -28.24 -13.96
CA SER B 26 11.39 -27.81 -12.76
C SER B 26 12.29 -27.83 -11.53
N VAL B 27 12.49 -26.67 -10.91
CA VAL B 27 13.25 -26.56 -9.67
C VAL B 27 12.54 -25.64 -8.62
N PRO B 28 11.27 -25.94 -8.27
CA PRO B 28 10.62 -25.13 -7.24
C PRO B 28 10.22 -25.90 -5.98
N GLY B 29 11.12 -26.02 -5.01
CA GLY B 29 10.78 -26.69 -3.78
C GLY B 29 11.55 -26.24 -2.55
N SER B 30 10.83 -25.93 -1.48
CA SER B 30 11.46 -25.45 -0.26
C SER B 30 10.58 -25.66 0.97
N LEU B 31 11.17 -26.24 2.00
CA LEU B 31 10.45 -26.44 3.26
C LEU B 31 11.19 -25.72 4.37
N VAL B 32 10.46 -25.26 5.38
CA VAL B 32 11.08 -24.54 6.47
C VAL B 32 10.58 -25.04 7.82
N VAL B 33 11.33 -25.98 8.38
CA VAL B 33 11.13 -26.54 9.72
C VAL B 33 12.10 -27.70 9.92
N VAL B 34 12.32 -28.09 11.17
CA VAL B 34 13.04 -29.31 11.46
C VAL B 34 12.13 -30.49 11.12
N GLY B 35 11.93 -30.72 9.83
CA GLY B 35 11.00 -31.73 9.35
C GLY B 35 11.61 -33.11 9.38
N GLY B 36 12.18 -33.46 10.52
CA GLY B 36 12.78 -34.78 10.71
C GLY B 36 11.72 -35.86 10.58
N THR B 37 10.65 -35.74 11.37
CA THR B 37 9.58 -36.72 11.32
C THR B 37 8.49 -36.27 10.37
N TYR B 38 8.81 -35.31 9.50
CA TYR B 38 7.89 -34.84 8.49
C TYR B 38 8.11 -35.62 7.20
N GLU B 39 8.61 -36.83 7.37
CA GLU B 39 8.78 -37.82 6.30
C GLU B 39 7.49 -38.32 5.63
N PRO B 40 6.37 -38.44 6.39
CA PRO B 40 5.17 -38.96 5.71
C PRO B 40 4.64 -38.14 4.54
N TRP B 41 5.32 -37.08 4.14
CA TRP B 41 4.82 -36.24 3.06
C TRP B 41 5.93 -35.47 2.35
N LEU B 42 7.18 -35.74 2.71
CA LEU B 42 8.30 -35.01 2.12
C LEU B 42 8.93 -35.70 0.90
N PRO B 43 9.32 -36.98 1.02
CA PRO B 43 9.92 -37.59 -0.18
C PRO B 43 8.90 -37.96 -1.25
N VAL B 44 7.62 -37.91 -0.90
CA VAL B 44 6.56 -38.23 -1.86
C VAL B 44 6.52 -37.16 -2.95
N LEU B 45 7.03 -35.97 -2.62
CA LEU B 45 7.17 -34.91 -3.62
C LEU B 45 8.53 -34.99 -4.29
N GLU B 46 9.51 -35.54 -3.58
CA GLU B 46 10.87 -35.64 -4.09
C GLU B 46 10.95 -36.51 -5.35
N LYS B 47 10.32 -37.68 -5.30
CA LYS B 47 10.44 -38.61 -6.42
C LYS B 47 9.43 -38.31 -7.52
N VAL B 48 8.43 -37.49 -7.19
CA VAL B 48 7.42 -37.10 -8.17
C VAL B 48 7.90 -35.88 -8.95
N GLY B 49 9.01 -35.30 -8.51
CA GLY B 49 9.65 -34.22 -9.25
C GLY B 49 9.37 -32.81 -8.75
N TRP B 50 10.12 -32.37 -7.75
CA TRP B 50 9.94 -31.03 -7.20
C TRP B 50 11.24 -30.33 -6.78
N ARG B 51 12.28 -31.13 -6.52
CA ARG B 51 13.59 -30.58 -6.17
C ARG B 51 13.55 -29.70 -4.93
N CYS B 52 13.46 -30.32 -3.76
CA CYS B 52 13.25 -29.58 -2.52
C CYS B 52 14.53 -29.04 -1.89
N THR B 53 14.35 -28.26 -0.83
CA THR B 53 15.44 -27.70 -0.04
C THR B 53 14.90 -27.26 1.31
N GLN B 54 15.26 -27.98 2.37
CA GLN B 54 14.65 -27.76 3.68
C GLN B 54 15.50 -26.87 4.59
N VAL B 55 14.87 -25.86 5.17
CA VAL B 55 15.52 -24.98 6.14
C VAL B 55 14.99 -25.22 7.55
N ALA B 56 15.74 -24.76 8.55
CA ALA B 56 15.36 -24.96 9.94
C ALA B 56 15.49 -23.70 10.79
N ASP B 57 16.29 -22.74 10.32
CA ASP B 57 16.56 -21.52 11.08
C ASP B 57 15.66 -20.38 10.61
N LEU B 58 15.98 -19.17 11.06
CA LEU B 58 15.16 -18.00 10.74
C LEU B 58 15.78 -17.18 9.61
N ARG B 59 17.07 -16.88 9.74
CA ARG B 59 17.76 -16.01 8.79
C ARG B 59 18.06 -16.75 7.48
N LYS B 60 18.34 -18.04 7.58
CA LYS B 60 18.73 -18.86 6.43
C LYS B 60 17.68 -18.94 5.31
N PRO B 61 16.41 -19.26 5.65
CA PRO B 61 15.44 -19.37 4.55
C PRO B 61 15.23 -18.05 3.80
N ASP B 62 15.35 -16.94 4.53
CA ASP B 62 15.22 -15.63 3.92
C ASP B 62 16.26 -15.50 2.82
N ALA B 63 17.50 -15.83 3.14
CA ALA B 63 18.58 -15.85 2.17
C ALA B 63 18.32 -16.90 1.10
N LEU B 64 17.70 -18.00 1.50
CA LEU B 64 17.38 -19.08 0.58
C LEU B 64 16.34 -18.63 -0.44
N PHE B 65 15.19 -18.18 0.06
CA PHE B 65 14.09 -17.74 -0.78
C PHE B 65 14.50 -16.61 -1.73
N VAL B 66 15.55 -15.90 -1.37
CA VAL B 66 16.13 -14.87 -2.24
C VAL B 66 16.75 -15.51 -3.47
N GLU B 67 17.51 -16.58 -3.28
CA GLU B 67 18.25 -17.16 -4.38
C GLU B 67 17.46 -18.24 -5.13
N THR B 68 16.28 -18.56 -4.62
CA THR B 68 15.45 -19.60 -5.23
C THR B 68 14.53 -19.03 -6.28
N GLY B 69 14.21 -17.74 -6.15
CA GLY B 69 13.28 -17.10 -7.05
C GLY B 69 11.91 -17.75 -6.97
N PRO B 70 11.20 -17.79 -8.11
CA PRO B 70 9.87 -18.39 -8.20
C PRO B 70 9.87 -19.85 -7.77
N CYS B 71 9.16 -20.14 -6.67
CA CYS B 71 9.07 -21.49 -6.16
C CYS B 71 7.86 -21.61 -5.26
N ILE B 72 7.71 -22.78 -4.63
CA ILE B 72 6.64 -23.01 -3.68
C ILE B 72 7.21 -23.46 -2.35
N GLY B 73 7.03 -22.62 -1.34
CA GLY B 73 7.58 -22.89 -0.02
C GLY B 73 6.49 -23.15 1.01
N ILE B 74 6.71 -24.15 1.85
CA ILE B 74 5.73 -24.51 2.85
C ILE B 74 6.27 -24.27 4.26
N VAL B 75 5.44 -23.65 5.08
CA VAL B 75 5.81 -23.32 6.46
C VAL B 75 5.09 -24.23 7.46
N ASP B 76 5.86 -25.01 8.22
CA ASP B 76 5.28 -25.91 9.21
C ASP B 76 4.99 -25.19 10.51
N LEU B 77 3.71 -24.98 10.79
CA LEU B 77 3.30 -24.35 12.03
C LEU B 77 2.55 -25.33 12.93
N SER B 78 3.21 -26.44 13.27
CA SER B 78 2.64 -27.39 14.22
C SER B 78 2.96 -26.96 15.65
N HIS B 79 2.83 -25.66 15.90
CA HIS B 79 3.11 -25.07 17.21
C HIS B 79 4.53 -25.39 17.66
N ASP B 80 5.48 -25.35 16.72
CA ASP B 80 6.86 -25.70 17.02
C ASP B 80 7.66 -24.50 17.49
N GLU B 81 8.47 -23.95 16.59
CA GLU B 81 9.31 -22.81 16.90
C GLU B 81 9.34 -21.82 15.74
N PHE B 82 8.31 -20.99 15.63
CA PHE B 82 8.27 -19.95 14.61
C PHE B 82 7.48 -18.73 15.07
N SER B 83 8.18 -17.60 15.23
CA SER B 83 7.56 -16.33 15.56
C SER B 83 6.47 -15.97 14.56
N LEU B 84 5.22 -16.15 14.99
CA LEU B 84 4.04 -15.83 14.19
C LEU B 84 4.16 -14.48 13.48
N ASN B 85 4.77 -13.51 14.16
CA ASN B 85 5.02 -12.21 13.58
C ASN B 85 5.98 -12.29 12.40
N GLY B 86 7.15 -12.87 12.65
CA GLY B 86 8.18 -12.99 11.63
C GLY B 86 7.74 -13.78 10.42
N ILE B 87 6.85 -14.75 10.64
CA ILE B 87 6.34 -15.61 9.57
C ILE B 87 5.70 -14.81 8.44
N ALA B 88 4.63 -14.09 8.79
CA ALA B 88 3.88 -13.33 7.81
C ALA B 88 4.74 -12.28 7.12
N ASN B 89 5.78 -11.82 7.80
CA ASN B 89 6.68 -10.84 7.21
C ASN B 89 7.31 -11.34 5.94
N LEU B 90 8.13 -12.38 6.06
CA LEU B 90 8.86 -12.95 4.92
C LEU B 90 7.92 -13.27 3.77
N VAL B 91 6.70 -13.65 4.09
CA VAL B 91 5.68 -13.91 3.09
C VAL B 91 5.49 -12.68 2.23
N SER B 92 5.45 -11.52 2.88
CA SER B 92 5.24 -10.25 2.19
C SER B 92 6.41 -9.30 2.42
N SER B 93 7.54 -9.84 2.88
CA SER B 93 8.75 -9.05 3.01
C SER B 93 9.19 -8.58 1.64
N HIS B 94 9.51 -9.55 0.78
CA HIS B 94 9.73 -9.29 -0.63
C HIS B 94 9.47 -10.57 -1.41
N LYS B 95 8.98 -11.59 -0.71
CA LYS B 95 8.69 -12.87 -1.33
C LYS B 95 7.28 -12.90 -1.91
N GLN B 96 6.90 -11.79 -2.54
CA GLN B 96 5.57 -11.63 -3.10
C GLN B 96 5.42 -12.41 -4.41
N VAL B 97 5.77 -11.76 -5.51
CA VAL B 97 5.68 -12.39 -6.81
C VAL B 97 6.74 -13.46 -6.93
N ARG B 98 7.82 -13.31 -6.18
CA ARG B 98 8.94 -14.24 -6.26
C ARG B 98 8.73 -15.47 -5.38
N TRP B 99 7.55 -15.56 -4.78
CA TRP B 99 7.26 -16.71 -3.92
C TRP B 99 5.78 -16.90 -3.62
N LEU B 100 5.32 -18.14 -3.70
CA LEU B 100 3.94 -18.46 -3.37
C LEU B 100 3.85 -19.22 -2.05
N ALA B 101 3.17 -18.62 -1.08
CA ALA B 101 3.10 -19.15 0.27
C ALA B 101 2.24 -20.40 0.38
N PHE B 102 2.63 -21.31 1.28
CA PHE B 102 1.84 -22.49 1.60
C PHE B 102 2.14 -22.90 3.04
N ILE B 103 1.16 -23.47 3.73
CA ILE B 103 1.31 -23.73 5.17
C ILE B 103 0.87 -25.12 5.64
N ARG B 104 1.58 -25.65 6.64
CA ARG B 104 1.30 -26.95 7.25
C ARG B 104 0.99 -26.82 8.73
N GLU B 105 -0.18 -27.33 9.16
CA GLU B 105 -0.57 -27.23 10.56
C GLU B 105 -0.91 -28.57 11.19
N ALA B 106 -0.77 -28.65 12.52
CA ALA B 106 -1.11 -29.86 13.26
C ALA B 106 -2.56 -29.84 13.70
N GLN B 107 -3.46 -29.57 12.75
CA GLN B 107 -4.90 -29.53 13.02
C GLN B 107 -5.26 -28.57 14.14
N LEU B 108 -5.38 -27.29 13.82
CA LEU B 108 -5.79 -26.30 14.80
C LEU B 108 -7.11 -25.69 14.36
N SER B 109 -7.93 -25.25 15.31
CA SER B 109 -9.28 -24.80 15.00
C SER B 109 -9.50 -23.32 15.30
N SER B 110 -10.19 -23.04 16.41
CA SER B 110 -10.53 -21.68 16.78
C SER B 110 -9.35 -20.99 17.44
N ASP B 111 -8.31 -20.71 16.65
CA ASP B 111 -7.10 -20.12 17.20
C ASP B 111 -6.74 -18.83 16.48
N THR B 112 -5.73 -18.15 17.00
CA THR B 112 -5.21 -16.94 16.36
C THR B 112 -4.54 -17.36 15.07
N ILE B 113 -3.89 -18.52 15.12
CA ILE B 113 -3.19 -19.08 13.97
C ILE B 113 -4.14 -19.37 12.82
N CYS B 114 -5.39 -19.73 13.12
CA CYS B 114 -6.35 -19.98 12.04
C CYS B 114 -6.70 -18.70 11.28
N GLN B 115 -6.31 -17.56 11.81
CA GLN B 115 -6.62 -16.30 11.17
C GLN B 115 -5.52 -15.90 10.19
N PHE B 116 -4.57 -16.80 9.99
CA PHE B 116 -3.41 -16.53 9.15
C PHE B 116 -3.73 -16.51 7.65
N ILE B 117 -4.98 -16.79 7.30
CA ILE B 117 -5.39 -16.79 5.90
C ILE B 117 -5.26 -15.39 5.31
N VAL B 118 -5.22 -14.40 6.21
CA VAL B 118 -4.97 -13.00 5.86
C VAL B 118 -3.75 -12.92 4.96
N ASN B 119 -2.79 -13.77 5.26
CA ASN B 119 -1.60 -13.93 4.45
C ASN B 119 -1.85 -14.78 3.22
N PHE B 120 -3.07 -14.68 2.68
CA PHE B 120 -3.47 -15.28 1.40
C PHE B 120 -2.79 -16.60 1.07
N CYS B 121 -2.74 -17.49 2.06
CA CYS B 121 -1.95 -18.70 1.94
C CYS B 121 -2.62 -19.79 1.14
N ILE B 122 -3.13 -19.45 -0.05
CA ILE B 122 -3.83 -20.36 -0.97
C ILE B 122 -4.56 -21.56 -0.32
N ASP B 123 -3.83 -22.44 0.35
CA ASP B 123 -4.44 -23.64 0.93
C ASP B 123 -3.70 -24.11 2.17
N PHE B 124 -4.43 -24.81 3.05
CA PHE B 124 -3.87 -25.36 4.28
C PHE B 124 -3.30 -26.74 4.06
N PHE B 125 -2.96 -27.41 5.15
CA PHE B 125 -2.37 -28.75 5.08
C PHE B 125 -2.49 -29.51 6.40
N THR B 126 -3.29 -30.58 6.39
CA THR B 126 -3.46 -31.43 7.55
C THR B 126 -2.20 -32.26 7.81
N ALA B 127 -2.20 -33.08 8.85
CA ALA B 127 -1.06 -33.96 9.13
C ALA B 127 -1.23 -35.35 8.49
N PRO B 128 -2.42 -35.98 8.62
CA PRO B 128 -2.58 -37.24 7.88
C PRO B 128 -2.60 -37.01 6.37
N ILE B 129 -1.49 -37.30 5.70
CA ILE B 129 -1.35 -37.08 4.26
C ILE B 129 -2.37 -37.90 3.47
N PRO B 130 -3.21 -37.21 2.67
CA PRO B 130 -4.20 -37.87 1.81
C PRO B 130 -3.60 -38.52 0.55
N ASP B 131 -2.54 -39.29 0.72
CA ASP B 131 -1.93 -40.06 -0.38
C ASP B 131 -1.65 -39.19 -1.61
N ALA B 132 -1.93 -39.75 -2.78
CA ALA B 132 -1.68 -39.08 -4.05
C ALA B 132 -2.81 -38.12 -4.42
N GLN B 133 -3.51 -37.62 -3.41
CA GLN B 133 -4.51 -36.58 -3.60
C GLN B 133 -3.85 -35.25 -3.27
N LEU B 134 -2.74 -35.36 -2.56
CA LEU B 134 -1.94 -34.22 -2.14
C LEU B 134 -1.50 -33.36 -3.35
N LEU B 135 -1.19 -34.03 -4.46
CA LEU B 135 -0.61 -33.37 -5.62
C LEU B 135 -1.48 -32.27 -6.24
N SER B 136 -2.79 -32.48 -6.26
CA SER B 136 -3.69 -31.57 -6.96
C SER B 136 -3.73 -30.15 -6.35
N THR B 137 -3.63 -30.09 -5.02
CA THR B 137 -3.62 -28.81 -4.32
C THR B 137 -2.49 -27.93 -4.82
N ILE B 138 -1.30 -28.54 -4.89
CA ILE B 138 -0.11 -27.86 -5.37
C ILE B 138 -0.13 -27.81 -6.89
N GLY B 139 -0.70 -28.85 -7.49
CA GLY B 139 -0.78 -28.95 -8.94
C GLY B 139 -1.54 -27.82 -9.60
N HIS B 140 -2.52 -27.26 -8.89
CA HIS B 140 -3.27 -26.12 -9.42
C HIS B 140 -2.37 -24.90 -9.53
N GLN B 141 -1.30 -24.90 -8.74
CA GLN B 141 -0.41 -23.75 -8.68
C GLN B 141 0.87 -24.00 -9.48
N LEU B 142 0.97 -25.18 -10.08
CA LEU B 142 2.13 -25.51 -10.91
C LEU B 142 2.21 -24.57 -12.10
N GLY B 143 1.08 -24.38 -12.79
CA GLY B 143 1.03 -23.48 -13.92
C GLY B 143 1.21 -22.05 -13.45
N MET B 144 0.84 -21.81 -12.20
CA MET B 144 0.98 -20.51 -11.57
C MET B 144 2.46 -20.18 -11.30
N LEU B 145 3.29 -21.20 -11.16
CA LEU B 145 4.71 -20.98 -10.86
C LEU B 145 5.53 -20.80 -12.15
N LYS B 146 5.27 -21.64 -13.14
CA LYS B 146 5.95 -21.52 -14.44
C LYS B 146 5.76 -20.13 -15.03
N LEU B 147 4.55 -19.59 -14.89
CA LEU B 147 4.24 -18.26 -15.39
C LEU B 147 5.09 -17.22 -14.68
N GLU B 148 5.24 -17.40 -13.37
CA GLU B 148 6.03 -16.48 -12.57
C GLU B 148 7.46 -16.42 -13.09
N LYS B 149 8.09 -17.59 -13.18
CA LYS B 149 9.48 -17.68 -13.62
C LYS B 149 9.66 -17.17 -15.04
N LYS B 150 8.58 -17.18 -15.80
CA LYS B 150 8.62 -16.67 -17.17
C LYS B 150 8.94 -15.18 -17.20
N VAL B 151 8.08 -14.36 -16.59
CA VAL B 151 8.27 -12.92 -16.62
C VAL B 151 9.16 -12.43 -15.49
N TRP B 152 9.59 -13.36 -14.64
CA TRP B 152 10.42 -13.08 -13.49
C TRP B 152 11.75 -12.35 -13.72
N PRO B 153 12.50 -12.68 -14.79
CA PRO B 153 13.82 -12.03 -14.92
C PRO B 153 13.77 -10.52 -15.12
N HIS B 154 13.76 -10.05 -16.37
CA HIS B 154 13.74 -8.62 -16.67
C HIS B 154 14.77 -7.86 -15.84
N PHE B 155 16.01 -8.37 -15.82
CA PHE B 155 17.05 -7.78 -15.01
C PHE B 155 17.47 -6.44 -15.60
N GLY B 156 18.06 -5.59 -14.77
CA GLY B 156 18.48 -4.28 -15.21
C GLY B 156 19.84 -4.29 -15.89
N SER B 157 19.86 -3.94 -17.17
CA SER B 157 21.10 -3.85 -17.94
C SER B 157 22.03 -2.84 -17.28
N ALA B 158 22.83 -3.32 -16.33
CA ALA B 158 23.65 -2.44 -15.49
C ALA B 158 22.76 -1.45 -14.74
N GLY B 159 21.53 -1.86 -14.47
CA GLY B 159 20.54 -1.01 -13.83
C GLY B 159 20.17 0.20 -14.67
N ASN B 160 20.35 0.05 -15.99
CA ASN B 160 20.12 1.14 -16.94
C ASN B 160 20.84 2.42 -16.53
N MET B 161 22.08 2.26 -16.10
CA MET B 161 22.95 3.36 -15.67
C MET B 161 22.36 4.13 -14.49
N GLY B 162 21.32 3.57 -13.88
CA GLY B 162 20.62 4.23 -12.79
C GLY B 162 19.82 5.43 -13.24
N LEU B 163 19.82 5.67 -14.55
CA LEU B 163 19.14 6.80 -15.17
C LEU B 163 19.59 8.14 -14.58
N ILE B 164 19.32 8.37 -13.30
CA ILE B 164 19.76 9.60 -12.65
C ILE B 164 20.41 9.33 -11.31
N GLY B 165 21.61 9.90 -11.12
CA GLY B 165 22.30 9.86 -9.84
C GLY B 165 22.64 8.51 -9.23
N GLU B 166 23.34 8.56 -8.09
CA GLU B 166 23.77 7.37 -7.37
C GLU B 166 24.14 7.70 -5.94
N SER B 167 23.13 7.99 -5.12
CA SER B 167 23.36 8.21 -3.69
C SER B 167 22.61 7.15 -2.88
N MET B 168 21.90 7.59 -1.85
CA MET B 168 21.12 6.66 -1.05
C MET B 168 19.59 6.85 -1.17
N PRO B 169 19.08 8.09 -1.08
CA PRO B 169 17.65 8.23 -1.38
C PRO B 169 17.34 7.88 -2.82
N MET B 170 18.33 8.08 -3.67
CA MET B 170 18.19 7.81 -5.09
C MET B 170 18.18 6.33 -5.35
N LYS B 171 19.01 5.60 -4.60
CA LYS B 171 19.11 4.16 -4.77
C LYS B 171 17.81 3.45 -4.37
N ARG B 172 17.31 3.79 -3.19
CA ARG B 172 16.08 3.20 -2.67
C ARG B 172 14.95 3.43 -3.65
N LEU B 173 15.00 4.60 -4.28
CA LEU B 173 14.05 4.99 -5.29
C LEU B 173 14.07 4.02 -6.47
N ARG B 174 15.28 3.69 -6.94
CA ARG B 174 15.42 2.80 -8.08
C ARG B 174 14.85 1.42 -7.76
N ASP B 175 15.01 0.99 -6.52
CA ASP B 175 14.38 -0.25 -6.10
C ASP B 175 12.88 -0.07 -6.09
N GLN B 176 12.46 1.13 -5.67
CA GLN B 176 11.04 1.42 -5.57
C GLN B 176 10.39 1.52 -6.93
N ILE B 177 11.02 2.25 -7.85
CA ILE B 177 10.47 2.40 -9.18
C ILE B 177 10.40 1.05 -9.89
N LYS B 178 11.32 0.16 -9.54
CA LYS B 178 11.38 -1.15 -10.16
C LYS B 178 10.19 -2.02 -9.77
N ARG B 179 9.89 -2.07 -8.47
CA ARG B 179 8.86 -2.99 -7.98
C ARG B 179 7.45 -2.50 -8.31
N ILE B 180 7.29 -1.20 -8.51
CA ILE B 180 5.98 -0.63 -8.84
C ILE B 180 5.82 -0.50 -10.36
N GLY B 181 6.89 -0.81 -11.08
CA GLY B 181 6.90 -0.70 -12.53
C GLY B 181 5.86 -1.57 -13.22
N PRO B 182 6.09 -2.89 -13.24
CA PRO B 182 5.21 -3.89 -13.87
C PRO B 182 3.76 -3.73 -13.47
N THR B 183 3.53 -3.30 -12.23
CA THR B 183 2.18 -3.08 -11.74
C THR B 183 1.49 -1.99 -12.54
N ASP B 184 0.70 -2.39 -13.53
CA ASP B 184 0.02 -1.46 -14.42
C ASP B 184 -1.07 -0.66 -13.71
N VAL B 185 -0.75 -0.15 -12.52
CA VAL B 185 -1.66 0.68 -11.76
C VAL B 185 -1.30 2.15 -11.95
N SER B 186 -2.23 3.03 -11.59
CA SER B 186 -1.98 4.46 -11.60
C SER B 186 -1.14 4.82 -10.38
N ILE B 187 -0.13 5.64 -10.57
CA ILE B 187 0.78 6.02 -9.48
C ILE B 187 0.91 7.52 -9.33
N LEU B 188 0.69 8.02 -8.11
CA LEU B 188 0.86 9.44 -7.85
C LEU B 188 2.32 9.76 -7.58
N ILE B 189 2.96 10.42 -8.53
CA ILE B 189 4.34 10.82 -8.41
C ILE B 189 4.41 12.26 -7.88
N TYR B 190 5.24 12.48 -6.88
CA TYR B 190 5.38 13.82 -6.33
C TYR B 190 6.78 14.08 -5.76
N GLY B 191 7.06 15.36 -5.57
CA GLY B 191 8.34 15.84 -5.08
C GLY B 191 8.37 17.33 -5.33
N GLU B 192 9.51 17.97 -5.09
CA GLU B 192 9.60 19.42 -5.30
C GLU B 192 9.52 19.76 -6.79
N SER B 193 9.35 21.05 -7.07
CA SER B 193 9.22 21.51 -8.44
C SER B 193 10.54 21.34 -9.21
N GLY B 194 10.43 20.85 -10.44
CA GLY B 194 11.60 20.65 -11.27
C GLY B 194 12.50 19.57 -10.72
N THR B 195 11.89 18.53 -10.13
CA THR B 195 12.64 17.41 -9.60
C THR B 195 12.62 16.24 -10.57
N GLY B 196 11.89 16.38 -11.67
CA GLY B 196 11.86 15.36 -12.69
C GLY B 196 10.75 14.34 -12.51
N LYS B 197 9.53 14.83 -12.30
CA LYS B 197 8.38 13.95 -12.14
C LYS B 197 8.05 13.29 -13.48
N GLU B 198 8.27 14.02 -14.56
CA GLU B 198 8.09 13.49 -15.90
C GLU B 198 9.15 12.42 -16.16
N THR B 199 10.35 12.65 -15.61
CA THR B 199 11.44 11.71 -15.73
C THR B 199 11.08 10.38 -15.08
N VAL B 200 10.57 10.44 -13.85
CA VAL B 200 10.16 9.25 -13.12
C VAL B 200 9.10 8.48 -13.90
N ALA B 201 8.14 9.21 -14.45
CA ALA B 201 7.03 8.61 -15.20
C ALA B 201 7.50 7.78 -16.39
N LYS B 202 8.48 8.30 -17.11
CA LYS B 202 9.01 7.60 -18.28
C LYS B 202 9.77 6.34 -17.88
N ALA B 203 10.28 6.35 -16.65
CA ALA B 203 11.05 5.23 -16.15
C ALA B 203 10.16 4.01 -15.92
N ILE B 204 9.06 4.20 -15.20
CA ILE B 204 8.13 3.11 -14.96
C ILE B 204 7.45 2.68 -16.25
N HIS B 205 7.22 3.62 -17.15
CA HIS B 205 6.68 3.29 -18.46
C HIS B 205 7.64 2.37 -19.16
N LYS B 206 8.92 2.66 -19.01
CA LYS B 206 9.96 1.82 -19.57
C LYS B 206 10.12 0.56 -18.73
N THR B 207 9.61 0.60 -17.51
CA THR B 207 9.70 -0.54 -16.60
C THR B 207 8.50 -1.46 -16.77
N SER B 208 7.38 -0.89 -17.18
CA SER B 208 6.15 -1.66 -17.35
C SER B 208 6.24 -2.61 -18.54
N SER B 209 5.26 -3.49 -18.66
CA SER B 209 5.20 -4.44 -19.77
C SER B 209 4.70 -3.76 -21.04
N ARG B 210 4.26 -2.52 -20.88
CA ARG B 210 3.75 -1.74 -21.99
C ARG B 210 4.75 -0.69 -22.43
N ALA B 211 6.03 -1.02 -22.31
CA ALA B 211 7.10 -0.08 -22.63
C ALA B 211 7.15 0.22 -24.13
N GLN B 212 7.06 -0.84 -24.94
CA GLN B 212 7.07 -0.70 -26.39
C GLN B 212 5.88 0.14 -26.85
N LYS B 213 4.79 0.04 -26.11
CA LYS B 213 3.62 0.87 -26.32
C LYS B 213 4.00 2.34 -26.13
N PRO B 214 3.28 3.27 -26.79
CA PRO B 214 3.58 4.70 -26.74
C PRO B 214 3.54 5.33 -25.35
N PHE B 215 3.79 6.63 -25.27
CA PHE B 215 3.79 7.34 -23.99
C PHE B 215 3.38 8.79 -24.17
N ILE B 216 2.50 9.26 -23.30
CA ILE B 216 2.01 10.63 -23.40
C ILE B 216 2.23 11.42 -22.13
N SER B 217 3.14 12.39 -22.19
CA SER B 217 3.33 13.29 -21.08
C SER B 217 2.67 14.61 -21.38
N VAL B 218 1.71 14.98 -20.55
CA VAL B 218 0.98 16.22 -20.78
C VAL B 218 1.34 17.26 -19.75
N ASN B 219 2.15 18.22 -20.18
CA ASN B 219 2.45 19.36 -19.36
C ASN B 219 1.36 20.42 -19.53
N CYS B 220 0.30 20.35 -18.73
CA CYS B 220 -0.89 21.17 -18.94
C CYS B 220 -0.74 22.60 -18.43
N ARG B 221 -1.25 22.85 -17.23
CA ARG B 221 -1.26 24.18 -16.62
C ARG B 221 -1.93 25.20 -17.53
N ALA B 222 -1.12 25.90 -18.32
CA ALA B 222 -1.59 26.95 -19.20
C ALA B 222 -2.30 26.41 -20.42
N MET B 223 -3.48 25.84 -20.23
CA MET B 223 -4.23 25.28 -21.33
C MET B 223 -5.62 25.91 -21.42
N SER B 224 -6.19 26.18 -20.25
CA SER B 224 -7.56 26.67 -20.13
C SER B 224 -8.56 25.59 -20.58
N GLU B 225 -9.68 25.51 -19.87
CA GLU B 225 -10.70 24.50 -20.12
C GLU B 225 -11.17 24.55 -21.58
N LYS B 226 -10.33 24.02 -22.46
CA LYS B 226 -10.59 24.06 -23.88
C LYS B 226 -10.21 22.75 -24.57
N ARG B 227 -8.91 22.52 -24.71
CA ARG B 227 -8.41 21.38 -25.47
C ARG B 227 -8.73 20.05 -24.80
N LEU B 228 -8.86 20.08 -23.48
CA LEU B 228 -9.21 18.88 -22.71
C LEU B 228 -10.50 18.29 -23.22
N GLU B 229 -11.41 19.15 -23.66
CA GLU B 229 -12.63 18.70 -24.32
C GLU B 229 -12.25 17.93 -25.58
N SER B 230 -11.55 18.60 -26.49
CA SER B 230 -11.12 18.00 -27.75
C SER B 230 -10.17 16.83 -27.53
N GLU B 231 -9.65 16.73 -26.32
CA GLU B 231 -8.78 15.62 -25.91
C GLU B 231 -9.64 14.40 -25.55
N LEU B 232 -10.94 14.59 -25.55
CA LEU B 232 -11.86 13.50 -25.19
C LEU B 232 -13.00 13.34 -26.20
N PHE B 233 -13.24 14.36 -27.02
CA PHE B 233 -14.24 14.24 -28.08
C PHE B 233 -13.90 15.13 -29.27
N GLY B 234 -14.67 15.02 -30.34
CA GLY B 234 -14.48 15.86 -31.51
C GLY B 234 -14.96 17.27 -31.23
N LEU B 235 -14.36 18.25 -31.89
CA LEU B 235 -14.78 19.64 -31.68
C LEU B 235 -15.37 20.23 -32.96
N GLY B 236 -15.18 19.53 -34.08
CA GLY B 236 -15.69 20.00 -35.35
C GLY B 236 -16.66 19.03 -35.99
N GLU B 237 -16.99 19.28 -37.26
CA GLU B 237 -17.89 18.41 -38.01
C GLU B 237 -17.45 18.38 -39.47
N THR B 238 -16.31 19.00 -39.72
CA THR B 238 -15.76 19.05 -41.06
C THR B 238 -15.35 17.66 -41.51
N GLU B 239 -14.09 17.33 -41.27
CA GLU B 239 -13.54 16.07 -41.73
C GLU B 239 -13.07 15.22 -40.56
N GLU B 240 -12.01 15.70 -39.92
CA GLU B 240 -11.36 15.01 -38.82
C GLU B 240 -10.55 16.04 -38.05
N GLY B 241 -9.32 16.27 -38.51
CA GLY B 241 -8.45 17.29 -37.94
C GLY B 241 -8.14 17.18 -36.47
N GLN B 242 -8.40 16.01 -35.88
CA GLN B 242 -8.13 15.81 -34.46
C GLN B 242 -8.08 14.34 -34.06
N GLN B 243 -7.11 14.00 -33.21
CA GLN B 243 -6.93 12.65 -32.70
C GLN B 243 -6.35 12.68 -31.29
N PRO B 244 -7.21 12.53 -30.27
CA PRO B 244 -6.87 12.73 -28.85
C PRO B 244 -5.74 11.84 -28.31
N PHE B 245 -5.20 12.23 -27.17
CA PHE B 245 -3.98 11.66 -26.61
C PHE B 245 -4.08 10.20 -26.16
N LEU B 246 -5.19 9.88 -25.51
CA LEU B 246 -5.42 8.52 -25.01
C LEU B 246 -5.30 7.46 -26.09
N LEU B 247 -5.93 7.70 -27.24
CA LEU B 247 -5.86 6.77 -28.36
C LEU B 247 -4.42 6.67 -28.81
N GLN B 248 -3.71 7.78 -28.71
CA GLN B 248 -2.29 7.81 -29.02
C GLN B 248 -1.48 7.24 -27.88
N ALA B 249 -2.13 7.02 -26.74
CA ALA B 249 -1.49 6.39 -25.60
C ALA B 249 -2.02 4.97 -25.43
N ASP B 250 -2.66 4.46 -26.47
CA ASP B 250 -3.26 3.13 -26.44
C ASP B 250 -2.22 2.07 -26.12
N GLY B 251 -2.50 1.28 -25.10
CA GLY B 251 -1.56 0.29 -24.63
C GLY B 251 -0.41 0.95 -23.87
N GLY B 252 -0.25 2.25 -24.07
CA GLY B 252 0.86 2.98 -23.49
C GLY B 252 0.51 3.71 -22.21
N THR B 253 1.01 4.93 -22.09
CA THR B 253 0.92 5.67 -20.84
C THR B 253 0.69 7.15 -21.05
N LEU B 254 -0.31 7.70 -20.36
CA LEU B 254 -0.60 9.12 -20.42
C LEU B 254 -0.26 9.79 -19.10
N LEU B 255 0.55 10.84 -19.15
CA LEU B 255 0.99 11.54 -17.97
C LEU B 255 0.42 12.95 -17.93
N LEU B 256 0.04 13.42 -16.75
CA LEU B 256 -0.44 14.78 -16.59
C LEU B 256 0.36 15.51 -15.55
N ASN B 257 1.39 16.21 -16.02
CA ASN B 257 2.24 17.00 -15.15
C ASN B 257 1.45 18.07 -14.41
N ASP B 258 1.63 18.13 -13.09
CA ASP B 258 0.96 19.09 -12.21
C ASP B 258 -0.55 19.10 -12.42
N ILE B 259 -1.20 18.06 -11.93
CA ILE B 259 -2.62 17.85 -12.21
C ILE B 259 -3.57 18.75 -11.45
N LEU B 260 -3.49 18.68 -10.11
CA LEU B 260 -4.46 19.28 -9.19
C LEU B 260 -5.01 20.64 -9.63
N THR B 261 -4.18 21.43 -10.33
CA THR B 261 -4.61 22.72 -10.83
C THR B 261 -5.78 22.60 -11.82
N LEU B 262 -5.91 21.43 -12.44
CA LEU B 262 -6.93 21.20 -13.47
C LEU B 262 -8.35 21.59 -13.04
N PRO B 263 -9.12 22.28 -13.91
CA PRO B 263 -10.49 22.70 -13.57
C PRO B 263 -11.40 21.54 -13.19
N LYS B 264 -12.44 21.85 -12.42
CA LYS B 264 -13.34 20.84 -11.86
C LYS B 264 -14.04 19.99 -12.93
N SER B 265 -14.62 20.64 -13.92
CA SER B 265 -15.44 19.96 -14.92
C SER B 265 -14.69 18.95 -15.76
N GLN B 266 -13.38 18.88 -15.60
CA GLN B 266 -12.55 18.06 -16.46
C GLN B 266 -12.01 16.80 -15.77
N GLN B 267 -11.81 16.86 -14.46
CA GLN B 267 -11.37 15.69 -13.72
C GLN B 267 -12.49 14.66 -13.71
N LEU B 268 -13.69 15.16 -13.94
CA LEU B 268 -14.87 14.31 -14.07
C LEU B 268 -14.71 13.33 -15.23
N ASN B 269 -14.54 13.88 -16.43
CA ASN B 269 -14.30 13.07 -17.61
C ASN B 269 -13.03 12.23 -17.48
N LEU B 270 -12.06 12.76 -16.72
CA LEU B 270 -10.86 12.02 -16.42
C LEU B 270 -11.22 10.78 -15.61
N LEU B 271 -12.06 10.97 -14.60
CA LEU B 271 -12.54 9.87 -13.78
C LEU B 271 -13.36 8.90 -14.61
N ARG B 272 -14.11 9.45 -15.56
CA ARG B 272 -14.93 8.65 -16.46
C ARG B 272 -14.08 7.63 -17.21
N PHE B 273 -12.88 8.06 -17.59
CA PHE B 273 -11.94 7.15 -18.25
C PHE B 273 -11.37 6.18 -17.23
N LEU B 274 -11.20 6.65 -16.00
CA LEU B 274 -10.70 5.80 -14.93
C LEU B 274 -11.77 4.82 -14.46
N GLN B 275 -12.98 4.98 -14.96
CA GLN B 275 -14.05 4.04 -14.65
C GLN B 275 -14.44 3.26 -15.91
N GLU B 276 -14.64 3.97 -17.00
CA GLU B 276 -15.08 3.32 -18.23
C GLU B 276 -13.92 3.00 -19.16
N GLY B 277 -13.08 4.01 -19.43
CA GLY B 277 -11.96 3.85 -20.33
C GLY B 277 -12.35 4.07 -21.79
N THR B 278 -13.35 4.91 -22.00
CA THR B 278 -13.85 5.18 -23.35
C THR B 278 -13.64 6.65 -23.71
N VAL B 279 -13.53 6.93 -25.01
CA VAL B 279 -13.34 8.29 -25.47
C VAL B 279 -13.90 8.52 -26.88
N GLU B 280 -14.67 9.59 -27.04
CA GLU B 280 -15.18 9.93 -28.36
C GLU B 280 -14.08 10.47 -29.25
N THR B 281 -14.08 10.02 -30.50
CA THR B 281 -13.18 10.56 -31.50
C THR B 281 -13.99 11.30 -32.56
N ARG B 282 -14.16 10.65 -33.70
CA ARG B 282 -14.99 11.15 -34.79
C ARG B 282 -15.39 9.93 -35.61
N GLN B 283 -14.44 9.04 -35.77
CA GLN B 283 -14.69 7.76 -36.43
C GLN B 283 -15.07 6.71 -35.40
N GLY B 284 -15.74 7.14 -34.35
CA GLY B 284 -16.21 6.23 -33.32
C GLY B 284 -15.91 6.69 -31.91
N VAL B 285 -16.88 6.49 -31.01
CA VAL B 285 -16.68 6.76 -29.59
C VAL B 285 -15.88 5.62 -28.99
N ARG B 286 -14.59 5.58 -29.31
CA ARG B 286 -13.77 4.41 -29.03
C ARG B 286 -13.29 4.29 -27.59
N ALA B 287 -12.93 3.06 -27.22
CA ALA B 287 -12.37 2.78 -25.90
C ALA B 287 -10.89 2.47 -26.04
N VAL B 288 -10.10 2.92 -25.09
CA VAL B 288 -8.65 2.81 -25.21
C VAL B 288 -8.02 2.34 -23.90
N ASP B 289 -6.95 1.56 -24.00
CA ASP B 289 -6.26 1.07 -22.82
C ASP B 289 -5.01 1.91 -22.52
N VAL B 290 -5.10 2.76 -21.50
CA VAL B 290 -3.99 3.60 -21.10
C VAL B 290 -3.73 3.53 -19.60
N ARG B 291 -2.48 3.29 -19.23
CA ARG B 291 -2.07 3.38 -17.84
C ARG B 291 -1.72 4.82 -17.54
N ILE B 292 -2.50 5.46 -16.67
CA ILE B 292 -2.33 6.88 -16.43
C ILE B 292 -1.50 7.17 -15.20
N LEU B 293 -0.56 8.11 -15.31
CA LEU B 293 0.19 8.57 -14.15
C LEU B 293 0.02 10.09 -14.02
N ALA B 294 0.20 10.60 -12.80
CA ALA B 294 0.02 12.02 -12.54
C ALA B 294 1.18 12.60 -11.73
N ALA B 295 1.28 13.92 -11.70
CA ALA B 295 2.34 14.58 -10.96
C ALA B 295 1.79 15.72 -10.10
N ASN B 296 2.39 15.90 -8.92
CA ASN B 296 2.08 17.03 -8.06
C ASN B 296 3.35 17.50 -7.36
N SER B 297 3.48 18.80 -7.17
CA SER B 297 4.64 19.35 -6.48
C SER B 297 4.23 19.99 -5.16
N SER B 298 3.03 20.55 -5.14
CA SER B 298 2.53 21.23 -3.96
C SER B 298 1.99 20.24 -2.96
N ASP B 299 0.72 20.38 -2.65
CA ASP B 299 0.07 19.51 -1.70
C ASP B 299 -1.42 19.43 -1.99
N ILE B 300 -1.85 18.30 -2.52
CA ILE B 300 -3.24 18.03 -2.79
C ILE B 300 -4.06 18.06 -1.50
N GLU B 301 -3.35 17.96 -0.38
CA GLU B 301 -3.94 18.01 0.94
C GLU B 301 -4.84 19.23 1.13
N LYS B 302 -4.31 20.40 0.82
CA LYS B 302 -5.05 21.65 0.97
C LYS B 302 -6.29 21.67 0.09
N ALA B 303 -6.18 21.12 -1.10
CA ALA B 303 -7.26 21.11 -2.06
C ALA B 303 -8.40 20.20 -1.62
N LEU B 304 -8.07 19.19 -0.83
CA LEU B 304 -9.06 18.23 -0.36
C LEU B 304 -10.03 18.86 0.64
N ILE B 305 -9.47 19.52 1.66
CA ILE B 305 -10.29 20.20 2.66
C ILE B 305 -11.09 21.33 2.00
N ASP B 306 -10.43 22.10 1.15
CA ASP B 306 -11.10 23.19 0.44
C ASP B 306 -12.16 22.65 -0.52
N GLY B 307 -12.09 21.35 -0.79
CA GLY B 307 -13.01 20.73 -1.73
C GLY B 307 -12.61 21.12 -3.14
N ASP B 308 -11.43 21.72 -3.25
CA ASP B 308 -10.91 22.12 -4.54
C ASP B 308 -10.68 20.92 -5.43
N PHE B 309 -10.12 19.87 -4.85
CA PHE B 309 -9.87 18.66 -5.62
C PHE B 309 -10.79 17.53 -5.19
N ASN B 310 -11.33 16.83 -6.18
CA ASN B 310 -12.20 15.69 -5.95
C ASN B 310 -11.46 14.58 -5.24
N GLU B 311 -12.09 14.01 -4.22
CA GLU B 311 -11.47 12.95 -3.44
C GLU B 311 -11.61 11.59 -4.12
N GLU B 312 -12.76 11.38 -4.77
CA GLU B 312 -13.02 10.11 -5.44
C GLU B 312 -11.98 9.83 -6.52
N LEU B 313 -11.65 10.85 -7.29
CA LEU B 313 -10.61 10.74 -8.30
C LEU B 313 -9.24 10.59 -7.66
N TYR B 314 -9.02 11.33 -6.58
CA TYR B 314 -7.75 11.33 -5.87
C TYR B 314 -7.31 9.91 -5.48
N HIS B 315 -8.27 9.12 -5.01
CA HIS B 315 -7.98 7.75 -4.60
C HIS B 315 -7.67 6.88 -5.82
N TYR B 316 -8.26 7.21 -6.95
CA TYR B 316 -7.94 6.53 -8.20
C TYR B 316 -6.51 6.82 -8.60
N ILE B 317 -6.01 7.98 -8.20
CA ILE B 317 -4.66 8.40 -8.53
C ILE B 317 -3.68 7.91 -7.49
N ASN B 318 -4.04 8.07 -6.23
CA ASN B 318 -3.13 7.76 -5.13
C ASN B 318 -3.06 6.27 -4.82
N VAL B 319 -3.21 5.44 -5.85
CA VAL B 319 -3.08 4.00 -5.70
C VAL B 319 -1.67 3.66 -5.23
N LEU B 320 -0.68 4.34 -5.80
CA LEU B 320 0.68 4.22 -5.34
C LEU B 320 1.36 5.57 -5.31
N ARG B 321 2.13 5.81 -4.25
CA ARG B 321 2.87 7.05 -4.13
C ARG B 321 4.36 6.81 -4.24
N ILE B 322 5.02 7.69 -4.97
CA ILE B 322 6.47 7.68 -5.05
C ILE B 322 6.98 9.12 -4.86
N ASN B 323 7.75 9.32 -3.79
CA ASN B 323 8.21 10.64 -3.41
C ASN B 323 9.55 10.98 -4.04
N VAL B 324 9.54 11.92 -4.98
CA VAL B 324 10.77 12.36 -5.61
C VAL B 324 11.54 13.27 -4.68
N PRO B 325 12.70 12.82 -4.20
CA PRO B 325 13.49 13.61 -3.25
C PRO B 325 14.00 14.89 -3.88
N SER B 326 14.33 15.85 -3.03
CA SER B 326 14.85 17.12 -3.48
C SER B 326 16.34 17.19 -3.22
N LEU B 327 16.76 18.26 -2.56
CA LEU B 327 18.14 18.40 -2.14
C LEU B 327 18.28 17.83 -0.73
N LYS B 328 17.22 17.16 -0.30
CA LYS B 328 17.09 16.60 1.04
C LYS B 328 18.34 15.86 1.48
N GLU B 329 18.64 14.75 0.82
CA GLU B 329 19.88 14.04 1.04
C GLU B 329 20.46 13.63 -0.30
N ARG B 330 20.32 14.54 -1.27
CA ARG B 330 20.85 14.33 -2.61
C ARG B 330 22.05 15.25 -2.85
N ALA B 331 22.70 15.65 -1.77
CA ALA B 331 23.87 16.52 -1.86
C ALA B 331 25.04 15.81 -2.53
N SER B 332 25.16 14.51 -2.27
CA SER B 332 26.23 13.70 -2.84
C SER B 332 26.02 13.43 -4.33
N ASP B 333 24.80 13.64 -4.79
CA ASP B 333 24.45 13.42 -6.19
C ASP B 333 24.64 14.70 -7.01
N ILE B 334 24.57 15.84 -6.33
CA ILE B 334 24.72 17.15 -6.98
C ILE B 334 25.97 17.21 -7.82
N VAL B 335 27.08 16.76 -7.24
CA VAL B 335 28.37 16.79 -7.92
C VAL B 335 28.38 15.91 -9.17
N LEU B 336 27.61 14.84 -9.12
CA LEU B 336 27.51 13.95 -10.28
C LEU B 336 26.61 14.58 -11.34
N LEU B 337 25.53 15.20 -10.88
CA LEU B 337 24.59 15.86 -11.79
C LEU B 337 25.25 17.01 -12.53
N ALA B 338 26.16 17.69 -11.85
CA ALA B 338 26.91 18.78 -12.47
C ALA B 338 27.91 18.21 -13.45
N LYS B 339 28.69 17.25 -12.98
CA LYS B 339 29.71 16.58 -13.78
C LYS B 339 29.13 16.04 -15.07
N HIS B 340 27.96 15.44 -14.95
CA HIS B 340 27.25 14.89 -16.08
C HIS B 340 26.84 15.97 -17.08
N PHE B 341 26.12 16.97 -16.58
CA PHE B 341 25.58 18.02 -17.45
C PHE B 341 26.67 18.75 -18.22
N LEU B 342 27.79 18.99 -17.55
CA LEU B 342 28.94 19.60 -18.21
C LEU B 342 29.42 18.75 -19.37
N GLN B 343 29.45 17.44 -19.17
CA GLN B 343 29.91 16.51 -20.19
C GLN B 343 28.97 16.48 -21.39
N GLU B 344 27.71 16.82 -21.17
CA GLU B 344 26.71 16.72 -22.23
C GLU B 344 26.34 18.07 -22.84
N TYR B 345 26.50 19.14 -22.07
CA TYR B 345 26.23 20.48 -22.57
C TYR B 345 27.39 20.99 -23.41
N SER B 346 28.61 20.67 -22.98
CA SER B 346 29.80 21.09 -23.69
C SER B 346 29.80 20.46 -25.08
N LYS B 347 29.93 19.14 -25.12
CA LYS B 347 29.97 18.39 -26.38
C LYS B 347 28.83 18.76 -27.32
N GLU B 348 27.68 19.12 -26.75
CA GLU B 348 26.54 19.54 -27.56
C GLU B 348 26.85 20.84 -28.29
N TYR B 349 27.59 21.71 -27.60
CA TYR B 349 27.96 23.02 -28.14
C TYR B 349 29.48 23.15 -28.19
N ASN B 350 30.15 22.02 -28.39
CA ASN B 350 31.61 21.94 -28.33
C ASN B 350 32.13 22.48 -27.00
N ALA B 351 32.24 23.80 -26.92
CA ALA B 351 32.67 24.52 -25.71
C ALA B 351 34.09 24.20 -25.27
N GLN B 352 34.62 25.05 -24.40
CA GLN B 352 35.96 24.89 -23.85
C GLN B 352 35.95 24.46 -22.39
N ALA B 353 34.83 24.68 -21.70
CA ALA B 353 34.71 24.29 -20.31
C ALA B 353 34.87 22.77 -20.20
N ARG B 354 35.70 22.33 -19.25
CA ARG B 354 36.03 20.92 -19.16
C ARG B 354 36.11 20.37 -17.73
N SER B 355 36.55 21.18 -16.78
CA SER B 355 36.95 20.61 -15.49
C SER B 355 36.40 21.25 -14.20
N PHE B 356 35.56 22.26 -14.32
CA PHE B 356 34.81 22.80 -13.17
C PHE B 356 35.64 23.41 -12.02
N SER B 357 36.82 22.82 -11.76
CA SER B 357 37.69 23.16 -10.62
C SER B 357 37.09 22.72 -9.30
N ASP B 358 37.95 22.27 -8.39
CA ASP B 358 37.53 21.77 -7.09
C ASP B 358 37.04 22.89 -6.17
N ASP B 359 37.10 24.12 -6.65
CA ASP B 359 36.66 25.28 -5.87
C ASP B 359 35.20 25.62 -6.12
N ALA B 360 34.79 25.66 -7.39
CA ALA B 360 33.42 26.02 -7.76
C ALA B 360 32.45 24.91 -7.37
N VAL B 361 32.99 23.73 -7.09
CA VAL B 361 32.21 22.58 -6.65
C VAL B 361 31.53 22.82 -5.31
N ARG B 362 32.34 23.19 -4.32
CA ARG B 362 31.86 23.40 -2.96
C ARG B 362 30.74 24.43 -2.90
N GLY B 363 30.91 25.51 -3.67
CA GLY B 363 29.94 26.59 -3.68
C GLY B 363 28.56 26.22 -4.18
N LEU B 364 28.50 25.18 -4.99
CA LEU B 364 27.23 24.75 -5.58
C LEU B 364 26.43 23.92 -4.58
N THR B 365 27.13 23.28 -3.65
CA THR B 365 26.48 22.49 -2.62
C THR B 365 25.74 23.40 -1.64
N ARG B 366 26.34 24.53 -1.33
CA ARG B 366 25.78 25.46 -0.35
C ARG B 366 24.44 26.03 -0.81
N TYR B 367 24.31 26.25 -2.11
CA TYR B 367 23.07 26.78 -2.69
C TYR B 367 21.90 25.83 -2.43
N HIS B 368 20.71 26.39 -2.23
CA HIS B 368 19.55 25.59 -1.84
C HIS B 368 18.86 24.89 -3.02
N TRP B 369 18.93 25.50 -4.20
CA TRP B 369 18.28 24.97 -5.39
C TRP B 369 16.80 24.69 -5.17
N PRO B 370 15.98 25.75 -5.13
CA PRO B 370 14.53 25.61 -4.95
C PRO B 370 13.91 24.79 -6.08
N GLY B 371 14.43 24.97 -7.29
CA GLY B 371 13.95 24.24 -8.45
C GLY B 371 14.67 22.92 -8.60
N ASN B 372 15.65 22.69 -7.74
CA ASN B 372 16.41 21.45 -7.71
C ASN B 372 17.11 21.14 -9.03
N VAL B 373 16.63 20.12 -9.73
CA VAL B 373 17.23 19.71 -11.00
C VAL B 373 17.06 20.76 -12.08
N ARG B 374 15.82 21.20 -12.29
CA ARG B 374 15.47 22.13 -13.36
C ARG B 374 16.30 23.40 -13.33
N GLU B 375 16.55 23.94 -12.13
CA GLU B 375 17.39 25.12 -12.02
C GLU B 375 18.82 24.79 -12.42
N LEU B 376 19.32 23.67 -11.89
CA LEU B 376 20.65 23.20 -12.23
C LEU B 376 20.75 22.85 -13.72
N MET B 377 19.63 22.49 -14.32
CA MET B 377 19.61 22.20 -15.76
C MET B 377 19.78 23.48 -16.57
N ASN B 378 18.90 24.45 -16.33
CA ASN B 378 18.90 25.70 -17.09
C ASN B 378 20.14 26.55 -16.83
N GLN B 379 20.53 26.66 -15.57
CA GLN B 379 21.65 27.51 -15.16
C GLN B 379 22.96 27.07 -15.82
N ILE B 380 23.28 25.79 -15.69
CA ILE B 380 24.51 25.23 -16.28
C ILE B 380 24.61 25.50 -17.77
N LYS B 381 23.48 25.43 -18.47
CA LYS B 381 23.43 25.67 -19.89
C LYS B 381 23.96 27.07 -20.22
N ARG B 382 23.47 28.08 -19.52
CA ARG B 382 23.87 29.46 -19.75
C ARG B 382 25.32 29.72 -19.39
N VAL B 383 25.79 29.14 -18.29
CA VAL B 383 27.15 29.37 -17.81
C VAL B 383 28.15 28.92 -18.86
N VAL B 384 27.91 27.75 -19.43
CA VAL B 384 28.72 27.24 -20.52
C VAL B 384 28.73 28.24 -21.67
N LEU B 385 27.56 28.81 -21.95
CA LEU B 385 27.40 29.79 -23.00
C LEU B 385 27.94 31.16 -22.61
N MET B 386 28.47 31.26 -21.39
CA MET B 386 29.03 32.50 -20.91
C MET B 386 30.51 32.37 -20.59
N SER B 387 30.88 31.20 -20.07
CA SER B 387 32.26 30.96 -19.66
C SER B 387 33.20 30.90 -20.86
N ASP B 388 34.23 31.74 -20.83
CA ASP B 388 35.23 31.77 -21.89
C ASP B 388 36.43 30.93 -21.50
N THR B 389 36.40 30.37 -20.30
CA THR B 389 37.54 29.59 -19.80
C THR B 389 37.30 28.09 -19.93
N VAL B 390 38.38 27.33 -19.74
CA VAL B 390 38.30 25.87 -19.79
C VAL B 390 37.82 25.33 -18.46
N VAL B 391 38.19 26.01 -17.38
CA VAL B 391 37.81 25.61 -16.04
C VAL B 391 37.23 26.81 -15.29
N LEU B 392 35.91 26.80 -15.08
CA LEU B 392 35.23 27.94 -14.48
C LEU B 392 35.56 28.07 -13.00
N ASP B 393 35.66 29.30 -12.53
CA ASP B 393 35.89 29.57 -11.11
C ASP B 393 34.85 30.54 -10.58
N GLU B 394 33.97 30.04 -9.72
CA GLU B 394 32.95 30.86 -9.06
C GLU B 394 32.05 31.60 -10.04
N SER B 395 32.62 32.55 -10.77
CA SER B 395 31.89 33.39 -11.71
C SER B 395 30.69 34.04 -11.04
N GLN B 396 29.52 33.90 -11.66
CA GLN B 396 28.28 34.41 -11.10
C GLN B 396 27.59 33.31 -10.33
N LEU B 397 26.95 32.41 -11.08
CA LEU B 397 26.40 31.18 -10.53
C LEU B 397 25.36 31.38 -9.44
N ASP B 398 25.04 32.62 -9.12
CA ASP B 398 24.09 32.91 -8.04
C ASP B 398 22.69 32.44 -8.39
N LEU B 399 22.14 33.02 -9.45
CA LEU B 399 20.76 32.73 -9.84
C LEU B 399 20.60 32.66 -11.34
#